data_3H2V
#
_entry.id   3H2V
#
_cell.length_a   41.818
_cell.length_b   70.921
_cell.length_c   99.342
_cell.angle_alpha   89.77
_cell.angle_beta   90.04
_cell.angle_gamma   104.04
#
_symmetry.space_group_name_H-M   'P 1'
#
loop_
_entity.id
_entity.type
_entity.pdbx_description
1 polymer Vinculin
2 polymer Raver-1
3 water water
#
loop_
_entity_poly.entity_id
_entity_poly.type
_entity_poly.pdbx_seq_one_letter_code
_entity_poly.pdbx_strand_id
1 'polypeptide(L)'
;EEKDEEFPEQKAGEVINQPMMMAARQLHDEARKWSSKGNDIIAAAKRMALLMAEMSRLVRGGSGTKRALIQCAKDIAKAS
DEVTRLAKEVAKQCTDKRIRTNLLQVCERIPTISTQLKILSTVKATMLGRTNISDEESEQATEMLVHNAQNLMQSVKETV
REAEAASIKIRTDAGFTLRWVRKTPWYQ
;
A,B,C,D
2 'polypeptide(L)' HMRKILIRGLPGDVTNQEVHDLLSDYELKYCFVDKYKGTAFVTLLNGEQAEAAINAFHQSRLRERELSVQLQPT E,F,G,H
#
# COMPACT_ATOMS: atom_id res chain seq x y z
N GLU A 6 4.78 -1.07 -30.88
CA GLU A 6 5.00 -0.28 -32.09
C GLU A 6 6.35 -0.59 -32.77
N PHE A 7 7.01 -1.61 -32.30
CA PHE A 7 8.10 -2.16 -32.94
C PHE A 7 7.35 -3.13 -33.71
N PRO A 8 7.92 -3.60 -34.74
CA PRO A 8 7.18 -4.41 -35.59
C PRO A 8 7.36 -5.90 -35.53
N GLU A 9 6.49 -6.73 -36.08
CA GLU A 9 6.65 -8.15 -36.11
C GLU A 9 7.99 -8.61 -36.51
N GLN A 10 8.16 -9.77 -37.13
CA GLN A 10 9.50 -10.25 -37.59
C GLN A 10 9.66 -10.77 -39.06
N VAL A 15 18.02 -9.03 -41.49
CA VAL A 15 19.48 -8.92 -41.40
C VAL A 15 19.98 -8.32 -40.09
N ILE A 16 19.53 -8.90 -38.99
CA ILE A 16 19.86 -8.45 -37.66
C ILE A 16 20.40 -9.62 -36.86
N ASN A 17 20.01 -9.66 -35.59
CA ASN A 17 20.39 -10.74 -34.70
C ASN A 17 19.13 -11.08 -33.90
N GLN A 18 18.34 -12.01 -34.41
CA GLN A 18 17.06 -12.39 -33.81
C GLN A 18 16.96 -12.24 -32.30
N PRO A 19 17.89 -12.86 -31.54
CA PRO A 19 17.85 -12.81 -30.07
C PRO A 19 18.12 -11.44 -29.41
N MET A 20 18.81 -10.55 -30.12
CA MET A 20 19.04 -9.20 -29.62
C MET A 20 17.75 -8.39 -29.88
N MET A 21 17.19 -8.59 -31.04
CA MET A 21 15.99 -7.92 -31.36
C MET A 21 14.87 -8.40 -30.48
N MET A 22 14.90 -9.66 -30.12
CA MET A 22 13.89 -10.20 -29.25
C MET A 22 13.98 -9.52 -27.91
N ALA A 23 15.19 -9.41 -27.39
CA ALA A 23 15.42 -8.77 -26.11
C ALA A 23 15.09 -7.31 -26.24
N ALA A 24 15.48 -6.68 -27.35
CA ALA A 24 15.16 -5.28 -27.55
C ALA A 24 13.63 -5.08 -27.44
N ARG A 25 12.88 -5.93 -28.13
CA ARG A 25 11.43 -5.83 -28.20
C ARG A 25 10.77 -6.10 -26.87
N GLN A 26 11.26 -7.07 -26.11
CA GLN A 26 10.70 -7.37 -24.81
C GLN A 26 10.75 -6.22 -23.83
N LEU A 27 11.80 -5.40 -23.93
CA LEU A 27 11.95 -4.23 -23.08
C LEU A 27 10.98 -3.22 -23.64
N HIS A 28 11.07 -2.96 -24.92
CA HIS A 28 10.17 -2.01 -25.53
C HIS A 28 8.70 -2.13 -25.11
N ASP A 29 8.18 -3.34 -25.13
CA ASP A 29 6.80 -3.59 -24.75
C ASP A 29 6.50 -3.29 -23.30
N GLU A 30 7.44 -3.56 -22.40
CA GLU A 30 7.17 -3.25 -21.01
C GLU A 30 7.07 -1.75 -20.75
N ALA A 31 7.87 -0.95 -21.46
CA ALA A 31 7.92 0.50 -21.31
C ALA A 31 6.89 1.27 -22.14
N ARG A 32 6.37 0.65 -23.18
CA ARG A 32 5.40 1.30 -24.05
C ARG A 32 4.06 1.16 -23.33
N LYS A 33 4.07 0.44 -22.21
CA LYS A 33 2.88 0.25 -21.41
C LYS A 33 2.53 1.57 -20.74
N TRP A 34 3.51 2.46 -20.64
CA TRP A 34 3.41 3.75 -19.96
C TRP A 34 3.76 4.96 -20.80
N SER A 35 3.23 6.10 -20.38
CA SER A 35 3.57 7.36 -20.97
C SER A 35 4.98 7.83 -20.47
N SER A 36 5.76 8.40 -21.39
CA SER A 36 7.10 8.87 -21.11
C SER A 36 7.06 10.17 -20.35
N LYS A 37 6.02 10.97 -20.62
CA LYS A 37 5.80 12.28 -19.98
C LYS A 37 5.98 12.21 -18.44
N GLY A 38 7.00 12.89 -17.93
CA GLY A 38 7.26 12.95 -16.50
C GLY A 38 7.82 11.71 -15.85
N ASN A 39 8.28 10.79 -16.71
CA ASN A 39 8.93 9.53 -16.32
C ASN A 39 10.16 9.27 -17.22
N ASP A 40 11.31 9.75 -16.78
CA ASP A 40 12.56 9.59 -17.50
C ASP A 40 13.06 8.15 -17.48
N ILE A 41 12.59 7.38 -16.51
CA ILE A 41 12.95 5.99 -16.47
C ILE A 41 12.41 5.35 -17.75
N ILE A 42 11.14 5.67 -18.07
CA ILE A 42 10.49 5.14 -19.25
C ILE A 42 11.08 5.68 -20.51
N ALA A 43 11.50 6.95 -20.47
CA ALA A 43 12.09 7.53 -21.67
C ALA A 43 13.42 6.85 -22.00
N ALA A 44 14.21 6.60 -20.97
CA ALA A 44 15.52 6.00 -21.11
C ALA A 44 15.36 4.55 -21.57
N ALA A 45 14.45 3.83 -20.90
CA ALA A 45 14.17 2.45 -21.25
C ALA A 45 13.84 2.36 -22.72
N LYS A 46 12.94 3.22 -23.20
CA LYS A 46 12.55 3.23 -24.61
C LYS A 46 13.78 3.46 -25.49
N ARG A 47 14.66 4.37 -25.07
CA ARG A 47 15.88 4.64 -25.81
C ARG A 47 16.78 3.42 -25.90
N MET A 48 17.12 2.84 -24.75
CA MET A 48 17.94 1.63 -24.75
C MET A 48 17.37 0.63 -25.75
N ALA A 49 16.08 0.28 -25.62
CA ALA A 49 15.47 -0.69 -26.52
C ALA A 49 15.73 -0.33 -28.01
N LEU A 50 15.63 0.94 -28.35
CA LEU A 50 15.90 1.44 -29.70
C LEU A 50 17.39 1.32 -30.10
N LEU A 51 18.29 1.46 -29.13
CA LEU A 51 19.70 1.27 -29.39
C LEU A 51 20.09 -0.23 -29.38
N MET A 52 19.31 -1.06 -28.70
CA MET A 52 19.54 -2.50 -28.71
C MET A 52 19.20 -3.05 -30.07
N ALA A 53 18.09 -2.56 -30.60
CA ALA A 53 17.68 -2.90 -31.93
C ALA A 53 18.83 -2.50 -32.89
N GLU A 54 19.35 -1.27 -32.78
CA GLU A 54 20.45 -0.86 -33.66
C GLU A 54 21.64 -1.84 -33.53
N MET A 55 21.81 -2.37 -32.33
CA MET A 55 22.91 -3.27 -32.11
C MET A 55 22.76 -4.61 -32.83
N SER A 56 21.59 -5.21 -32.83
CA SER A 56 21.46 -6.47 -33.52
C SER A 56 21.80 -6.27 -34.99
N ARG A 57 21.42 -5.11 -35.53
CA ARG A 57 21.77 -4.73 -36.89
C ARG A 57 23.31 -4.61 -37.01
N LEU A 58 23.94 -3.76 -36.20
CA LEU A 58 25.41 -3.57 -36.17
C LEU A 58 26.20 -4.86 -35.99
N VAL A 59 25.61 -5.82 -35.30
CA VAL A 59 26.24 -7.12 -35.05
C VAL A 59 26.45 -7.99 -36.33
N ARG A 60 25.88 -7.57 -37.45
CA ARG A 60 26.13 -8.25 -38.72
C ARG A 60 27.13 -7.38 -39.50
N GLY A 61 26.88 -6.07 -39.48
CA GLY A 61 27.64 -4.97 -40.08
C GLY A 61 28.88 -5.22 -40.90
N GLY A 62 29.65 -6.24 -40.53
CA GLY A 62 30.86 -6.53 -41.26
C GLY A 62 31.88 -5.45 -40.91
N SER A 63 31.76 -4.31 -41.56
CA SER A 63 32.60 -3.19 -41.22
C SER A 63 31.98 -1.84 -41.50
N GLY A 64 32.58 -0.83 -40.87
CA GLY A 64 32.10 0.52 -40.80
C GLY A 64 31.27 0.46 -39.52
N THR A 65 31.02 -0.79 -39.10
CA THR A 65 30.26 -1.07 -37.90
C THR A 65 31.14 -1.02 -36.66
N LYS A 66 32.47 -1.08 -36.86
CA LYS A 66 33.43 -1.01 -35.75
C LYS A 66 33.17 0.24 -34.90
N ARG A 67 33.36 1.41 -35.49
CA ARG A 67 33.16 2.63 -34.76
C ARG A 67 31.77 2.71 -34.20
N ALA A 68 30.77 2.46 -35.04
CA ALA A 68 29.38 2.52 -34.60
C ALA A 68 29.13 1.59 -33.43
N LEU A 69 29.46 0.30 -33.59
CA LEU A 69 29.27 -0.71 -32.54
C LEU A 69 29.79 -0.24 -31.21
N ILE A 70 30.94 0.43 -31.25
CA ILE A 70 31.52 0.99 -30.05
C ILE A 70 30.67 2.15 -29.48
N GLN A 71 30.43 3.16 -30.31
CA GLN A 71 29.61 4.27 -29.89
C GLN A 71 28.25 3.83 -29.29
N CYS A 72 27.61 2.90 -30.00
CA CYS A 72 26.32 2.39 -29.63
C CYS A 72 26.31 1.81 -28.23
N ALA A 73 27.35 1.02 -27.92
CA ALA A 73 27.44 0.35 -26.63
C ALA A 73 27.63 1.41 -25.55
N LYS A 74 28.40 2.44 -25.90
CA LYS A 74 28.61 3.58 -25.02
C LYS A 74 27.27 4.30 -24.77
N ASP A 75 26.52 4.51 -25.83
CA ASP A 75 25.22 5.14 -25.72
C ASP A 75 24.37 4.42 -24.72
N ILE A 76 24.29 3.11 -24.89
CA ILE A 76 23.48 2.22 -24.03
C ILE A 76 23.85 2.42 -22.56
N ALA A 77 25.14 2.34 -22.28
CA ALA A 77 25.62 2.52 -20.91
C ALA A 77 25.20 3.89 -20.37
N LYS A 78 25.16 4.88 -21.25
CA LYS A 78 24.71 6.19 -20.80
C LYS A 78 23.27 6.10 -20.27
N ALA A 79 22.41 5.46 -21.07
CA ALA A 79 21.01 5.23 -20.76
C ALA A 79 20.80 4.41 -19.45
N SER A 80 21.60 3.38 -19.22
CA SER A 80 21.46 2.60 -18.01
C SER A 80 21.86 3.45 -16.81
N ASP A 81 22.99 4.16 -16.92
CA ASP A 81 23.45 5.04 -15.84
C ASP A 81 22.31 5.95 -15.35
N GLU A 82 21.44 6.37 -16.27
CA GLU A 82 20.32 7.22 -15.90
C GLU A 82 19.12 6.43 -15.30
N VAL A 83 18.95 5.18 -15.73
CA VAL A 83 17.90 4.33 -15.18
C VAL A 83 18.28 4.08 -13.73
N THR A 84 19.56 3.76 -13.52
CA THR A 84 20.07 3.51 -12.18
C THR A 84 19.93 4.77 -11.29
N ARG A 85 20.51 5.87 -11.74
CA ARG A 85 20.47 7.10 -11.00
C ARG A 85 19.03 7.45 -10.50
N LEU A 86 18.06 7.34 -11.39
CA LEU A 86 16.69 7.65 -11.07
C LEU A 86 16.03 6.56 -10.23
N ALA A 87 16.35 5.30 -10.53
CA ALA A 87 15.82 4.20 -9.73
C ALA A 87 16.24 4.41 -8.28
N LYS A 88 17.41 4.99 -8.07
CA LYS A 88 17.89 5.21 -6.73
C LYS A 88 17.18 6.33 -6.00
N GLU A 89 16.87 7.39 -6.74
CA GLU A 89 16.15 8.47 -6.12
C GLU A 89 14.76 7.99 -5.69
N VAL A 90 14.20 7.05 -6.44
CA VAL A 90 12.89 6.48 -6.15
C VAL A 90 12.99 5.65 -4.89
N ALA A 91 14.03 4.85 -4.83
CA ALA A 91 14.26 3.97 -3.70
C ALA A 91 14.51 4.82 -2.44
N LYS A 92 15.17 5.96 -2.62
CA LYS A 92 15.48 6.86 -1.51
C LYS A 92 14.19 7.50 -0.96
N GLN A 93 13.14 7.50 -1.77
CA GLN A 93 11.83 8.05 -1.40
C GLN A 93 10.87 6.97 -0.90
N CYS A 94 11.16 5.72 -1.24
CA CYS A 94 10.30 4.63 -0.82
C CYS A 94 10.29 4.42 0.68
N THR A 95 9.11 4.15 1.24
CA THR A 95 8.98 3.90 2.68
C THR A 95 8.69 2.42 3.00
N ASP A 96 8.87 1.57 1.99
CA ASP A 96 8.66 0.16 2.17
C ASP A 96 9.95 -0.66 2.02
N LYS A 97 10.51 -1.07 3.16
CA LYS A 97 11.74 -1.86 3.19
C LYS A 97 11.70 -3.05 2.19
N ARG A 98 10.56 -3.72 2.13
CA ARG A 98 10.43 -4.84 1.22
C ARG A 98 10.77 -4.40 -0.18
N ILE A 99 10.05 -3.38 -0.65
CA ILE A 99 10.23 -2.84 -1.99
C ILE A 99 11.51 -2.06 -2.19
N ARG A 100 11.80 -1.11 -1.30
CA ARG A 100 13.03 -0.34 -1.41
C ARG A 100 14.23 -1.25 -1.60
N THR A 101 14.10 -2.47 -1.09
CA THR A 101 15.17 -3.44 -1.11
C THR A 101 15.28 -4.09 -2.47
N ASN A 102 14.14 -4.58 -2.95
CA ASN A 102 14.13 -5.26 -4.22
C ASN A 102 14.59 -4.29 -5.28
N LEU A 103 14.13 -3.05 -5.20
CA LEU A 103 14.57 -2.04 -6.13
C LEU A 103 16.11 -1.88 -6.17
N LEU A 104 16.73 -1.69 -5.02
CA LEU A 104 18.16 -1.49 -5.03
C LEU A 104 18.87 -2.71 -5.57
N GLN A 105 18.37 -3.88 -5.18
CA GLN A 105 18.95 -5.14 -5.62
C GLN A 105 19.08 -5.24 -7.12
N VAL A 106 17.96 -5.10 -7.81
CA VAL A 106 17.91 -5.23 -9.28
C VAL A 106 18.62 -4.13 -10.08
N CYS A 107 18.69 -2.93 -9.53
CA CYS A 107 19.32 -1.83 -10.23
C CYS A 107 20.81 -1.70 -9.93
N GLU A 108 21.34 -2.58 -9.11
CA GLU A 108 22.76 -2.49 -8.79
C GLU A 108 23.52 -3.10 -9.93
N ARG A 109 23.03 -4.24 -10.41
CA ARG A 109 23.68 -4.97 -11.48
C ARG A 109 23.75 -4.21 -12.79
N ILE A 110 22.80 -3.31 -13.01
CA ILE A 110 22.72 -2.58 -14.27
C ILE A 110 24.03 -2.05 -14.82
N PRO A 111 24.76 -1.26 -14.01
CA PRO A 111 26.05 -0.64 -14.33
C PRO A 111 27.04 -1.70 -14.72
N THR A 112 27.04 -2.79 -13.96
CA THR A 112 27.97 -3.89 -14.21
C THR A 112 27.71 -4.51 -15.57
N ILE A 113 26.46 -4.92 -15.77
CA ILE A 113 26.06 -5.52 -17.01
C ILE A 113 26.37 -4.58 -18.13
N SER A 114 26.05 -3.31 -17.97
CA SER A 114 26.32 -2.34 -19.04
C SER A 114 27.82 -2.18 -19.35
N THR A 115 28.67 -2.43 -18.34
CA THR A 115 30.10 -2.34 -18.51
C THR A 115 30.63 -3.57 -19.24
N GLN A 116 30.13 -4.75 -18.88
CA GLN A 116 30.47 -5.97 -19.59
C GLN A 116 30.12 -5.78 -21.06
N LEU A 117 29.01 -5.10 -21.26
CA LEU A 117 28.56 -4.85 -22.60
C LEU A 117 29.50 -3.99 -23.46
N LYS A 118 30.16 -3.01 -22.85
CA LYS A 118 31.10 -2.13 -23.56
C LYS A 118 32.35 -2.91 -23.90
N ILE A 119 32.73 -3.77 -22.96
CA ILE A 119 33.92 -4.60 -23.12
C ILE A 119 33.72 -5.65 -24.21
N LEU A 120 32.58 -6.34 -24.14
CA LEU A 120 32.28 -7.41 -25.08
C LEU A 120 32.15 -6.83 -26.46
N SER A 121 31.65 -5.60 -26.53
CA SER A 121 31.41 -5.01 -27.84
C SER A 121 32.71 -4.59 -28.44
N THR A 122 33.67 -4.27 -27.59
CA THR A 122 34.97 -3.91 -28.13
C THR A 122 35.67 -5.08 -28.84
N VAL A 123 35.72 -6.24 -28.17
CA VAL A 123 36.27 -7.44 -28.75
C VAL A 123 35.58 -7.73 -30.06
N LYS A 124 34.26 -7.58 -30.05
CA LYS A 124 33.48 -7.90 -31.24
C LYS A 124 33.84 -6.98 -32.38
N ALA A 125 34.09 -5.73 -32.06
CA ALA A 125 34.39 -4.71 -33.06
C ALA A 125 35.69 -5.00 -33.79
N THR A 126 36.72 -5.33 -33.02
CA THR A 126 38.04 -5.61 -33.59
C THR A 126 38.02 -6.92 -34.36
N MET A 127 37.15 -7.82 -33.93
CA MET A 127 37.02 -9.11 -34.59
C MET A 127 36.41 -8.91 -35.96
N LEU A 128 35.54 -7.91 -36.06
CA LEU A 128 34.92 -7.58 -37.33
C LEU A 128 36.00 -7.25 -38.37
N GLY A 129 35.88 -7.91 -39.52
CA GLY A 129 36.80 -7.72 -40.62
C GLY A 129 37.77 -8.88 -40.68
N ARG A 130 38.25 -9.26 -39.50
CA ARG A 130 39.22 -10.34 -39.40
C ARG A 130 38.84 -11.62 -40.17
N THR A 131 39.87 -12.27 -40.73
CA THR A 131 39.71 -13.49 -41.51
C THR A 131 40.48 -14.62 -40.81
N ASN A 132 41.50 -14.20 -40.08
CA ASN A 132 42.37 -15.10 -39.34
C ASN A 132 41.67 -15.65 -38.10
N ILE A 133 40.83 -14.84 -37.46
CA ILE A 133 40.13 -15.32 -36.28
C ILE A 133 39.31 -16.58 -36.58
N SER A 134 39.30 -17.49 -35.60
CA SER A 134 38.63 -18.77 -35.72
C SER A 134 37.11 -18.67 -35.81
N ASP A 135 36.51 -19.73 -36.35
CA ASP A 135 35.06 -19.83 -36.45
C ASP A 135 34.47 -19.82 -35.03
N GLU A 136 34.91 -20.78 -34.23
CA GLU A 136 34.43 -20.90 -32.87
C GLU A 136 34.60 -19.61 -32.08
N GLU A 137 35.73 -18.94 -32.26
CA GLU A 137 35.97 -17.68 -31.54
C GLU A 137 34.94 -16.61 -31.88
N SER A 138 34.66 -16.40 -33.17
CA SER A 138 33.73 -15.35 -33.55
C SER A 138 32.28 -15.60 -33.18
N GLU A 139 31.79 -16.83 -33.29
CA GLU A 139 30.40 -17.05 -32.91
C GLU A 139 30.24 -17.01 -31.40
N GLN A 140 31.34 -17.21 -30.70
CA GLN A 140 31.31 -17.14 -29.25
C GLN A 140 31.35 -15.67 -28.80
N ALA A 141 32.04 -14.82 -29.56
CA ALA A 141 32.12 -13.43 -29.15
C ALA A 141 30.69 -12.91 -29.20
N THR A 142 30.03 -13.23 -30.30
CA THR A 142 28.67 -12.81 -30.57
C THR A 142 27.64 -13.35 -29.61
N GLU A 143 27.88 -14.54 -29.07
CA GLU A 143 26.94 -15.11 -28.16
C GLU A 143 27.06 -14.59 -26.75
N MET A 144 28.19 -13.97 -26.40
CA MET A 144 28.36 -13.38 -25.05
C MET A 144 27.71 -12.03 -25.07
N LEU A 145 27.71 -11.45 -26.25
CA LEU A 145 27.11 -10.16 -26.47
C LEU A 145 25.61 -10.38 -26.26
N VAL A 146 25.01 -11.24 -27.07
CA VAL A 146 23.60 -11.57 -26.95
C VAL A 146 23.23 -11.93 -25.52
N HIS A 147 24.10 -12.65 -24.84
CA HIS A 147 23.77 -13.05 -23.48
C HIS A 147 23.71 -11.84 -22.55
N ASN A 148 24.73 -10.98 -22.64
CA ASN A 148 24.82 -9.77 -21.86
C ASN A 148 23.64 -8.85 -22.19
N ALA A 149 23.30 -8.74 -23.48
CA ALA A 149 22.19 -7.91 -23.93
C ALA A 149 20.89 -8.44 -23.37
N GLN A 150 20.70 -9.74 -23.42
CA GLN A 150 19.49 -10.31 -22.84
C GLN A 150 19.31 -9.92 -21.37
N ASN A 151 20.39 -10.03 -20.62
CA ASN A 151 20.35 -9.72 -19.20
C ASN A 151 20.26 -8.23 -18.84
N LEU A 152 20.81 -7.39 -19.72
CA LEU A 152 20.74 -5.95 -19.54
C LEU A 152 19.30 -5.54 -19.73
N MET A 153 18.66 -6.09 -20.76
CA MET A 153 17.28 -5.76 -21.02
C MET A 153 16.41 -6.27 -19.91
N GLN A 154 16.65 -7.49 -19.46
CA GLN A 154 15.85 -8.06 -18.38
C GLN A 154 15.96 -7.22 -17.11
N SER A 155 17.15 -6.72 -16.86
CA SER A 155 17.39 -5.91 -15.68
C SER A 155 16.66 -4.56 -15.76
N VAL A 156 16.76 -3.90 -16.92
CA VAL A 156 16.12 -2.63 -17.08
C VAL A 156 14.63 -2.77 -16.88
N LYS A 157 14.05 -3.85 -17.39
CA LYS A 157 12.60 -4.05 -17.28
C LYS A 157 12.15 -4.51 -15.93
N GLU A 158 13.06 -5.10 -15.17
CA GLU A 158 12.71 -5.52 -13.85
C GLU A 158 12.68 -4.26 -12.99
N THR A 159 13.53 -3.29 -13.32
CA THR A 159 13.61 -2.05 -12.57
C THR A 159 12.31 -1.33 -12.77
N VAL A 160 11.91 -1.19 -13.91
CA VAL A 160 10.86 -0.42 -14.17
C VAL A 160 9.74 -0.91 -13.58
N ARG A 161 9.75 -2.00 -12.95
CA ARG A 161 8.54 -2.54 -12.48
C ARG A 161 8.69 -2.53 -11.13
N GLU A 162 9.83 -2.43 -10.59
CA GLU A 162 9.79 -2.32 -9.26
C GLU A 162 9.91 -0.98 -8.99
N ALA A 163 10.24 -0.10 -9.86
CA ALA A 163 10.24 1.37 -9.69
C ALA A 163 8.80 1.85 -9.58
N GLU A 164 7.94 1.22 -10.38
CA GLU A 164 6.55 1.55 -10.37
C GLU A 164 5.93 1.12 -9.06
N ALA A 165 6.29 -0.07 -8.58
CA ALA A 165 5.74 -0.55 -7.31
C ALA A 165 6.11 0.38 -6.15
N ALA A 166 7.36 0.83 -6.15
CA ALA A 166 7.89 1.70 -5.13
C ALA A 166 7.44 3.17 -5.29
N SER A 167 6.56 3.43 -6.25
CA SER A 167 6.06 4.78 -6.47
C SER A 167 4.79 4.96 -5.61
N ILE A 168 4.29 3.84 -5.10
CA ILE A 168 3.07 3.75 -4.27
C ILE A 168 3.15 4.36 -2.85
N LYS A 169 4.12 3.96 -2.06
CA LYS A 169 4.27 4.51 -0.71
C LYS A 169 5.40 5.54 -0.72
N ILE A 170 5.04 6.82 -0.71
CA ILE A 170 6.03 7.88 -0.77
C ILE A 170 6.20 8.61 0.55
N ARG A 171 7.46 8.74 1.00
CA ARG A 171 7.82 9.46 2.24
C ARG A 171 7.24 10.88 2.28
N THR A 172 7.47 11.64 1.20
CA THR A 172 6.96 13.01 1.06
C THR A 172 6.58 13.19 -0.41
N ASP A 173 5.44 13.83 -0.68
CA ASP A 173 5.05 14.08 -2.08
C ASP A 173 5.93 15.23 -2.61
N ALA A 174 6.71 15.81 -1.69
CA ALA A 174 7.61 16.92 -1.99
C ALA A 174 8.86 16.44 -2.71
N GLY A 175 9.42 15.31 -2.25
CA GLY A 175 10.62 14.73 -2.82
C GLY A 175 10.44 14.33 -4.27
N PHE A 176 11.21 13.36 -4.73
CA PHE A 176 11.06 12.91 -6.12
C PHE A 176 9.81 12.05 -6.44
N THR A 177 9.38 12.10 -7.70
CA THR A 177 8.22 11.35 -8.19
C THR A 177 8.33 11.12 -9.71
N LEU A 178 8.01 9.92 -10.15
CA LEU A 178 7.95 9.67 -11.57
C LEU A 178 6.49 9.57 -11.80
N ARG A 179 6.09 9.90 -13.01
CA ARG A 179 4.70 9.80 -13.43
C ARG A 179 4.42 8.41 -14.02
N TRP A 180 3.51 7.69 -13.36
CA TRP A 180 3.05 6.36 -13.81
C TRP A 180 1.64 6.42 -14.40
N VAL A 181 1.56 6.80 -15.67
CA VAL A 181 0.26 6.84 -16.31
C VAL A 181 0.22 5.88 -17.50
N ARG A 182 -0.63 4.86 -17.40
CA ARG A 182 -0.73 3.86 -18.46
C ARG A 182 -1.22 4.48 -19.74
N LYS A 183 -0.65 4.04 -20.86
CA LYS A 183 -1.06 4.48 -22.19
C LYS A 183 -2.19 3.55 -22.66
N GLU B 6 1.31 19.98 1.94
CA GLU B 6 1.66 20.88 3.04
C GLU B 6 1.75 22.34 2.59
N PHE B 7 0.67 23.07 2.84
CA PHE B 7 0.62 24.50 2.51
C PHE B 7 0.77 25.28 3.82
N PRO B 8 1.38 26.47 3.75
CA PRO B 8 1.57 27.34 4.91
C PRO B 8 0.26 28.04 5.23
N GLU B 9 0.28 29.06 6.08
CA GLU B 9 -0.96 29.73 6.46
C GLU B 9 -0.97 31.23 6.20
N GLU B 14 1.55 37.56 4.39
CA GLU B 14 2.48 37.72 3.27
C GLU B 14 2.20 38.97 2.42
N VAL B 15 2.93 39.06 1.31
CA VAL B 15 2.81 40.12 0.29
C VAL B 15 2.09 39.52 -0.93
N ILE B 16 0.93 38.93 -0.68
CA ILE B 16 0.15 38.25 -1.71
C ILE B 16 -1.23 38.87 -1.78
N ASN B 17 -2.20 37.99 -2.07
CA ASN B 17 -3.59 38.38 -2.14
C ASN B 17 -4.38 37.31 -1.37
N GLN B 18 -4.53 37.53 -0.05
CA GLN B 18 -5.26 36.63 0.86
C GLN B 18 -6.37 35.75 0.24
N PRO B 19 -7.36 36.38 -0.44
CA PRO B 19 -8.46 35.59 -1.00
C PRO B 19 -8.07 34.63 -2.15
N MET B 20 -7.03 34.96 -2.89
CA MET B 20 -6.56 34.08 -3.95
C MET B 20 -5.81 32.93 -3.32
N MET B 21 -4.95 33.26 -2.36
CA MET B 21 -4.15 32.28 -1.66
C MET B 21 -5.10 31.37 -0.93
N MET B 22 -6.19 31.95 -0.43
CA MET B 22 -7.18 31.19 0.30
C MET B 22 -7.81 30.15 -0.57
N ALA B 23 -8.09 30.54 -1.81
CA ALA B 23 -8.75 29.67 -2.78
C ALA B 23 -7.74 28.69 -3.31
N ALA B 24 -6.48 29.10 -3.41
CA ALA B 24 -5.44 28.21 -3.89
C ALA B 24 -5.40 27.08 -2.86
N ARG B 25 -5.25 27.48 -1.59
CA ARG B 25 -5.20 26.52 -0.49
C ARG B 25 -6.34 25.53 -0.51
N GLN B 26 -7.56 26.05 -0.53
CA GLN B 26 -8.73 25.17 -0.54
C GLN B 26 -8.66 24.04 -1.59
N LEU B 27 -8.18 24.35 -2.80
CA LEU B 27 -8.08 23.34 -3.86
C LEU B 27 -6.99 22.36 -3.47
N HIS B 28 -5.85 22.91 -3.08
CA HIS B 28 -4.74 22.12 -2.61
C HIS B 28 -5.06 21.02 -1.59
N ASP B 29 -5.81 21.38 -0.54
CA ASP B 29 -6.21 20.44 0.50
C ASP B 29 -7.11 19.35 -0.01
N GLU B 30 -8.03 19.67 -0.91
CA GLU B 30 -8.88 18.60 -1.41
C GLU B 30 -8.11 17.58 -2.25
N ALA B 31 -7.08 18.07 -2.97
CA ALA B 31 -6.25 17.25 -3.83
C ALA B 31 -5.10 16.57 -3.09
N ARG B 32 -4.67 17.13 -1.96
CA ARG B 32 -3.60 16.50 -1.22
C ARG B 32 -4.18 15.28 -0.50
N LYS B 33 -5.50 15.13 -0.52
CA LYS B 33 -6.18 14.01 0.09
C LYS B 33 -5.81 12.73 -0.70
N TRP B 34 -5.48 12.90 -1.97
CA TRP B 34 -5.18 11.76 -2.81
C TRP B 34 -3.74 11.66 -3.34
N SER B 35 -3.38 10.45 -3.75
CA SER B 35 -2.08 10.24 -4.33
C SER B 35 -2.14 10.63 -5.80
N SER B 36 -1.11 11.34 -6.28
CA SER B 36 -0.99 11.70 -7.71
C SER B 36 -0.81 10.49 -8.66
N LYS B 37 -0.28 9.40 -8.12
CA LYS B 37 0.05 8.16 -8.85
C LYS B 37 -1.07 7.58 -9.72
N GLY B 38 -1.01 7.82 -11.02
CA GLY B 38 -2.04 7.25 -11.87
C GLY B 38 -3.34 8.03 -12.00
N ASN B 39 -3.33 9.27 -11.50
CA ASN B 39 -4.49 10.16 -11.54
C ASN B 39 -4.02 11.59 -11.92
N ASP B 40 -4.07 11.93 -13.20
CA ASP B 40 -3.63 13.24 -13.67
C ASP B 40 -4.58 14.37 -13.25
N ILE B 41 -5.76 13.99 -12.84
CA ILE B 41 -6.72 14.97 -12.36
C ILE B 41 -6.15 15.61 -11.10
N ILE B 42 -5.56 14.78 -10.23
CA ILE B 42 -4.95 15.24 -8.99
C ILE B 42 -3.65 16.00 -9.24
N ALA B 43 -2.87 15.46 -10.15
CA ALA B 43 -1.64 16.10 -10.55
C ALA B 43 -1.93 17.51 -11.09
N ALA B 44 -2.93 17.60 -11.96
CA ALA B 44 -3.36 18.89 -12.52
C ALA B 44 -3.79 19.86 -11.42
N ALA B 45 -4.75 19.41 -10.61
CA ALA B 45 -5.26 20.23 -9.50
C ALA B 45 -4.10 20.75 -8.59
N LYS B 46 -3.16 19.90 -8.24
CA LYS B 46 -2.06 20.37 -7.40
C LYS B 46 -1.30 21.51 -8.11
N ARG B 47 -1.07 21.33 -9.42
CA ARG B 47 -0.37 22.32 -10.24
C ARG B 47 -1.13 23.65 -10.29
N MET B 48 -2.43 23.58 -10.57
CA MET B 48 -3.32 24.76 -10.58
C MET B 48 -3.24 25.45 -9.24
N ALA B 49 -3.43 24.72 -8.14
CA ALA B 49 -3.40 25.32 -6.81
C ALA B 49 -2.12 26.09 -6.61
N LEU B 50 -1.00 25.50 -7.07
CA LEU B 50 0.35 26.10 -6.97
C LEU B 50 0.51 27.37 -7.81
N LEU B 51 -0.07 27.38 -9.00
CA LEU B 51 0.01 28.53 -9.91
C LEU B 51 -0.88 29.68 -9.48
N MET B 52 -1.86 29.34 -8.64
CA MET B 52 -2.86 30.28 -8.10
C MET B 52 -2.20 31.04 -6.98
N ALA B 53 -1.35 30.32 -6.27
CA ALA B 53 -0.58 30.91 -5.21
C ALA B 53 0.43 31.83 -5.89
N GLU B 54 0.97 31.44 -7.05
CA GLU B 54 1.89 32.34 -7.72
C GLU B 54 1.13 33.61 -8.16
N MET B 55 -0.13 33.44 -8.52
CA MET B 55 -0.92 34.57 -8.98
C MET B 55 -1.21 35.60 -7.86
N SER B 56 -1.43 35.13 -6.64
CA SER B 56 -1.68 36.06 -5.54
C SER B 56 -0.41 36.88 -5.28
N ARG B 57 0.73 36.26 -5.49
CA ARG B 57 1.95 37.01 -5.41
C ARG B 57 2.01 37.99 -6.62
N LEU B 58 1.89 37.45 -7.84
CA LEU B 58 1.94 38.31 -9.02
C LEU B 58 1.03 39.52 -8.93
N VAL B 59 -0.18 39.26 -8.41
CA VAL B 59 -1.23 40.28 -8.26
C VAL B 59 -0.82 41.54 -7.45
N ARG B 60 0.36 41.50 -6.84
CA ARG B 60 0.92 42.66 -6.14
C ARG B 60 2.10 43.18 -6.99
N GLY B 61 2.83 42.25 -7.61
CA GLY B 61 4.00 42.48 -8.44
C GLY B 61 4.45 43.85 -8.94
N GLY B 62 3.54 44.83 -9.01
CA GLY B 62 3.84 46.17 -9.51
C GLY B 62 4.19 46.14 -11.00
N SER B 63 5.35 45.55 -11.29
CA SER B 63 5.76 45.36 -12.68
C SER B 63 6.82 44.27 -12.88
N GLY B 64 6.90 43.85 -14.15
CA GLY B 64 7.71 42.75 -14.60
C GLY B 64 6.74 41.60 -14.42
N THR B 65 5.66 41.92 -13.71
CA THR B 65 4.63 40.95 -13.43
C THR B 65 3.68 40.89 -14.61
N LYS B 66 3.73 41.90 -15.47
CA LYS B 66 2.89 41.94 -16.66
C LYS B 66 3.03 40.64 -17.41
N ARG B 67 4.21 40.41 -17.96
CA ARG B 67 4.48 39.18 -18.69
C ARG B 67 4.20 37.91 -17.89
N ALA B 68 4.63 37.89 -16.62
CA ALA B 68 4.38 36.72 -15.77
C ALA B 68 2.88 36.45 -15.57
N LEU B 69 2.13 37.48 -15.19
CA LEU B 69 0.69 37.38 -14.93
C LEU B 69 -0.04 36.70 -16.04
N ILE B 70 0.18 37.23 -17.25
CA ILE B 70 -0.38 36.68 -18.47
C ILE B 70 -0.02 35.19 -18.63
N GLN B 71 1.28 34.87 -18.71
CA GLN B 71 1.77 33.49 -18.86
C GLN B 71 1.19 32.63 -17.76
N CYS B 72 1.10 33.20 -16.56
CA CYS B 72 0.56 32.47 -15.44
C CYS B 72 -0.89 31.99 -15.59
N ALA B 73 -1.72 32.88 -16.15
CA ALA B 73 -3.10 32.53 -16.37
C ALA B 73 -3.13 31.54 -17.54
N LYS B 74 -2.22 31.71 -18.50
CA LYS B 74 -2.18 30.79 -19.64
C LYS B 74 -1.84 29.41 -19.11
N ASP B 75 -1.02 29.38 -18.07
CA ASP B 75 -0.62 28.11 -17.47
C ASP B 75 -1.82 27.44 -16.83
N ILE B 76 -2.48 28.18 -15.94
CA ILE B 76 -3.68 27.72 -15.24
C ILE B 76 -4.71 27.14 -16.19
N ALA B 77 -4.91 27.83 -17.31
CA ALA B 77 -5.85 27.38 -18.33
C ALA B 77 -5.42 26.03 -18.93
N LYS B 78 -4.14 25.85 -19.21
CA LYS B 78 -3.70 24.57 -19.73
C LYS B 78 -4.03 23.47 -18.73
N ALA B 79 -3.91 23.79 -17.45
CA ALA B 79 -4.15 22.83 -16.37
C ALA B 79 -5.64 22.50 -16.28
N SER B 80 -6.49 23.49 -16.52
CA SER B 80 -7.94 23.27 -16.49
C SER B 80 -8.35 22.47 -17.69
N ASP B 81 -7.82 22.83 -18.83
CA ASP B 81 -8.12 22.10 -20.05
C ASP B 81 -7.89 20.59 -19.86
N GLU B 82 -6.93 20.23 -19.02
CA GLU B 82 -6.65 18.83 -18.82
C GLU B 82 -7.52 18.18 -17.71
N VAL B 83 -8.05 19.02 -16.80
CA VAL B 83 -8.94 18.53 -15.79
C VAL B 83 -10.27 18.24 -16.46
N THR B 84 -10.69 19.11 -17.36
CA THR B 84 -11.90 18.87 -18.11
C THR B 84 -11.72 17.65 -18.99
N ARG B 85 -10.68 17.65 -19.83
CA ARG B 85 -10.42 16.56 -20.78
C ARG B 85 -10.53 15.17 -20.13
N LEU B 86 -9.94 15.06 -18.95
CA LEU B 86 -9.92 13.83 -18.19
C LEU B 86 -11.25 13.47 -17.55
N ALA B 87 -11.89 14.46 -16.93
CA ALA B 87 -13.19 14.32 -16.28
C ALA B 87 -14.24 13.80 -17.24
N LYS B 88 -14.11 14.18 -18.49
CA LYS B 88 -15.04 13.74 -19.53
C LYS B 88 -14.80 12.27 -19.86
N GLU B 89 -13.54 11.87 -19.96
CA GLU B 89 -13.27 10.46 -20.25
C GLU B 89 -13.80 9.63 -19.09
N VAL B 90 -13.77 10.19 -17.86
CA VAL B 90 -14.33 9.53 -16.70
C VAL B 90 -15.84 9.40 -16.89
N ALA B 91 -16.44 10.49 -17.35
CA ALA B 91 -17.88 10.57 -17.56
C ALA B 91 -18.34 9.64 -18.67
N LYS B 92 -17.52 9.53 -19.70
CA LYS B 92 -17.86 8.68 -20.83
C LYS B 92 -17.86 7.22 -20.39
N GLN B 93 -17.18 6.93 -19.27
CA GLN B 93 -17.07 5.56 -18.80
C GLN B 93 -18.14 5.22 -17.77
N CYS B 94 -18.58 6.27 -17.08
CA CYS B 94 -19.60 6.19 -16.04
C CYS B 94 -20.89 5.55 -16.54
N THR B 95 -21.52 4.73 -15.69
CA THR B 95 -22.77 4.08 -16.09
C THR B 95 -23.93 4.59 -15.22
N ASP B 96 -23.65 5.63 -14.44
CA ASP B 96 -24.65 6.26 -13.61
C ASP B 96 -25.10 7.62 -14.17
N LYS B 97 -26.30 7.65 -14.73
CA LYS B 97 -26.87 8.85 -15.28
C LYS B 97 -26.90 9.99 -14.26
N ARG B 98 -27.24 9.67 -13.02
CA ARG B 98 -27.26 10.65 -11.95
C ARG B 98 -25.89 11.33 -11.90
N ILE B 99 -24.84 10.54 -11.69
CA ILE B 99 -23.47 11.04 -11.61
C ILE B 99 -22.87 11.50 -12.95
N ARG B 100 -23.03 10.71 -14.00
CA ARG B 100 -22.48 11.06 -15.31
C ARG B 100 -22.95 12.43 -15.69
N THR B 101 -24.05 12.83 -15.07
CA THR B 101 -24.70 14.11 -15.33
C THR B 101 -24.07 15.23 -14.55
N ASN B 102 -24.03 15.10 -13.24
CA ASN B 102 -23.38 16.09 -12.42
C ASN B 102 -21.95 16.30 -12.92
N LEU B 103 -21.26 15.22 -13.26
CA LEU B 103 -19.88 15.35 -13.70
C LEU B 103 -19.76 16.26 -14.91
N LEU B 104 -20.59 16.04 -15.90
CA LEU B 104 -20.54 16.90 -17.06
C LEU B 104 -20.89 18.36 -16.72
N GLN B 105 -21.96 18.54 -15.96
CA GLN B 105 -22.39 19.88 -15.57
C GLN B 105 -21.23 20.74 -15.02
N VAL B 106 -20.70 20.34 -13.86
CA VAL B 106 -19.61 21.03 -13.18
C VAL B 106 -18.34 21.24 -14.02
N CYS B 107 -18.03 20.31 -14.90
CA CYS B 107 -16.82 20.44 -15.69
C CYS B 107 -17.03 21.19 -16.99
N GLU B 108 -18.24 21.64 -17.24
CA GLU B 108 -18.49 22.38 -18.47
C GLU B 108 -18.05 23.82 -18.32
N ARG B 109 -18.21 24.32 -17.10
CA ARG B 109 -17.92 25.69 -16.77
C ARG B 109 -16.43 25.97 -16.69
N ILE B 110 -15.66 24.93 -16.40
CA ILE B 110 -14.23 25.07 -16.28
C ILE B 110 -13.56 25.94 -17.36
N PRO B 111 -13.60 25.49 -18.64
CA PRO B 111 -13.11 26.12 -19.86
C PRO B 111 -13.41 27.60 -19.86
N THR B 112 -14.71 27.87 -19.69
CA THR B 112 -15.26 29.22 -19.65
C THR B 112 -14.61 30.06 -18.55
N ILE B 113 -14.73 29.61 -17.30
CA ILE B 113 -14.13 30.33 -16.18
C ILE B 113 -12.63 30.59 -16.41
N SER B 114 -11.94 29.58 -16.89
CA SER B 114 -10.53 29.72 -17.15
C SER B 114 -10.24 30.71 -18.28
N THR B 115 -11.19 30.89 -19.20
CA THR B 115 -11.01 31.84 -20.30
C THR B 115 -11.26 33.27 -19.86
N GLN B 116 -12.21 33.45 -18.93
CA GLN B 116 -12.48 34.78 -18.40
C GLN B 116 -11.22 35.19 -17.62
N LEU B 117 -10.59 34.18 -17.02
CA LEU B 117 -9.44 34.43 -16.20
C LEU B 117 -8.29 35.06 -16.97
N LYS B 118 -8.04 34.55 -18.18
CA LYS B 118 -6.99 35.03 -19.10
C LYS B 118 -7.32 36.45 -19.48
N ILE B 119 -8.60 36.69 -19.72
CA ILE B 119 -9.07 38.01 -20.07
C ILE B 119 -8.94 38.97 -18.90
N LEU B 120 -9.46 38.60 -17.75
CA LEU B 120 -9.36 39.47 -16.58
C LEU B 120 -7.93 39.79 -16.29
N SER B 121 -7.07 38.79 -16.44
CA SER B 121 -5.63 38.97 -16.17
C SER B 121 -4.87 39.85 -17.17
N THR B 122 -5.30 39.86 -18.42
CA THR B 122 -4.66 40.74 -19.39
C THR B 122 -4.97 42.20 -19.06
N VAL B 123 -6.20 42.48 -18.62
CA VAL B 123 -6.52 43.87 -18.27
C VAL B 123 -5.73 44.29 -17.06
N LYS B 124 -5.67 43.39 -16.09
CA LYS B 124 -4.98 43.64 -14.84
C LYS B 124 -3.53 43.97 -15.14
N ALA B 125 -2.92 43.14 -15.98
CA ALA B 125 -1.54 43.31 -16.41
C ALA B 125 -1.24 44.70 -16.99
N THR B 126 -2.00 45.13 -17.99
CA THR B 126 -1.78 46.45 -18.60
C THR B 126 -2.03 47.58 -17.59
N MET B 127 -2.93 47.33 -16.66
CA MET B 127 -3.25 48.31 -15.65
C MET B 127 -2.07 48.52 -14.74
N LEU B 128 -1.35 47.43 -14.46
CA LEU B 128 -0.14 47.48 -13.64
C LEU B 128 0.82 48.52 -14.21
N GLY B 129 1.35 49.34 -13.30
CA GLY B 129 2.28 50.41 -13.63
C GLY B 129 1.60 51.73 -13.82
N ARG B 130 0.45 51.70 -14.50
CA ARG B 130 -0.32 52.90 -14.76
C ARG B 130 -0.52 53.74 -13.51
N THR B 131 -0.52 55.06 -13.71
CA THR B 131 -0.72 56.03 -12.64
C THR B 131 -1.98 56.83 -12.95
N ASN B 132 -2.39 56.81 -14.21
CA ASN B 132 -3.56 57.53 -14.66
C ASN B 132 -4.84 56.76 -14.40
N ILE B 133 -4.75 55.43 -14.31
CA ILE B 133 -5.96 54.67 -14.04
C ILE B 133 -6.50 54.94 -12.65
N SER B 134 -7.82 55.09 -12.59
CA SER B 134 -8.52 55.40 -11.35
C SER B 134 -8.34 54.36 -10.23
N ASP B 135 -8.55 54.82 -8.99
CA ASP B 135 -8.46 53.96 -7.81
C ASP B 135 -9.51 52.87 -7.92
N GLU B 136 -10.75 53.30 -8.11
CA GLU B 136 -11.87 52.40 -8.18
C GLU B 136 -11.72 51.39 -9.29
N GLU B 137 -11.16 51.81 -10.41
CA GLU B 137 -10.95 50.93 -11.56
C GLU B 137 -9.97 49.81 -11.24
N SER B 138 -8.83 50.17 -10.68
CA SER B 138 -7.85 49.16 -10.36
C SER B 138 -8.32 48.19 -9.31
N GLU B 139 -8.97 48.65 -8.24
CA GLU B 139 -9.40 47.67 -7.24
C GLU B 139 -10.53 46.81 -7.77
N GLN B 140 -11.22 47.29 -8.78
CA GLN B 140 -12.28 46.46 -9.34
C GLN B 140 -11.70 45.40 -10.29
N ALA B 141 -10.64 45.76 -11.02
CA ALA B 141 -10.00 44.81 -11.90
C ALA B 141 -9.56 43.62 -11.03
N THR B 142 -8.90 43.96 -9.92
CA THR B 142 -8.41 42.99 -8.95
C THR B 142 -9.51 42.11 -8.38
N GLU B 143 -10.64 42.70 -8.06
CA GLU B 143 -11.69 41.93 -7.46
C GLU B 143 -12.44 40.99 -8.36
N MET B 144 -12.33 41.18 -9.67
CA MET B 144 -13.00 40.33 -10.65
C MET B 144 -12.13 39.12 -10.92
N LEU B 145 -10.85 39.35 -10.67
CA LEU B 145 -9.82 38.33 -10.83
C LEU B 145 -10.03 37.35 -9.68
N VAL B 146 -9.95 37.88 -8.46
CA VAL B 146 -10.17 37.07 -7.28
C VAL B 146 -11.47 36.27 -7.35
N HIS B 147 -12.49 36.86 -7.94
CA HIS B 147 -13.77 36.21 -7.97
C HIS B 147 -13.75 35.05 -8.93
N ASN B 148 -13.12 35.27 -10.07
CA ASN B 148 -13.02 34.26 -11.13
C ASN B 148 -12.12 33.12 -10.68
N ALA B 149 -11.11 33.47 -9.90
CA ALA B 149 -10.16 32.54 -9.31
C ALA B 149 -10.86 31.71 -8.25
N GLN B 150 -11.64 32.35 -7.37
CA GLN B 150 -12.39 31.62 -6.34
C GLN B 150 -13.24 30.52 -6.99
N ASN B 151 -13.92 30.90 -8.07
CA ASN B 151 -14.86 30.02 -8.75
C ASN B 151 -14.12 28.96 -9.58
N LEU B 152 -12.96 29.33 -10.10
CA LEU B 152 -12.19 28.37 -10.85
C LEU B 152 -11.83 27.27 -9.89
N MET B 153 -11.22 27.63 -8.77
CA MET B 153 -10.81 26.63 -7.77
C MET B 153 -12.01 25.82 -7.33
N GLN B 154 -13.13 26.49 -7.04
CA GLN B 154 -14.34 25.79 -6.62
C GLN B 154 -14.80 24.73 -7.60
N SER B 155 -14.70 25.06 -8.88
CA SER B 155 -15.13 24.14 -9.90
C SER B 155 -14.15 22.98 -10.03
N VAL B 156 -12.88 23.28 -9.90
CA VAL B 156 -11.90 22.23 -10.03
C VAL B 156 -12.11 21.21 -8.92
N LYS B 157 -12.17 21.70 -7.69
CA LYS B 157 -12.41 20.81 -6.57
C LYS B 157 -13.78 20.11 -6.60
N GLU B 158 -14.76 20.69 -7.28
CA GLU B 158 -16.04 20.01 -7.38
C GLU B 158 -15.94 18.83 -8.34
N THR B 159 -15.11 18.99 -9.37
CA THR B 159 -14.91 17.96 -10.40
C THR B 159 -14.16 16.80 -9.77
N VAL B 160 -13.08 17.13 -9.06
CA VAL B 160 -12.30 16.15 -8.35
C VAL B 160 -13.18 15.20 -7.54
N ARG B 161 -14.12 15.76 -6.80
CA ARG B 161 -15.02 14.98 -5.96
C ARG B 161 -15.99 14.13 -6.75
N GLU B 162 -16.63 14.73 -7.75
CA GLU B 162 -17.59 14.01 -8.56
C GLU B 162 -16.91 12.99 -9.51
N ALA B 163 -15.61 13.19 -9.80
CA ALA B 163 -14.88 12.31 -10.70
C ALA B 163 -14.57 11.06 -9.94
N GLU B 164 -14.32 11.26 -8.66
CA GLU B 164 -14.00 10.13 -7.80
C GLU B 164 -15.26 9.33 -7.63
N ALA B 165 -16.36 9.99 -7.33
CA ALA B 165 -17.63 9.31 -7.17
C ALA B 165 -17.97 8.46 -8.40
N ALA B 166 -17.70 9.01 -9.58
CA ALA B 166 -17.98 8.42 -10.88
C ALA B 166 -17.05 7.27 -11.24
N SER B 167 -15.96 7.14 -10.50
CA SER B 167 -14.96 6.11 -10.78
C SER B 167 -15.33 4.72 -10.24
N THR B 177 -9.72 5.10 -16.58
CA THR B 177 -9.54 4.53 -15.25
C THR B 177 -8.48 5.32 -14.47
N LEU B 178 -8.90 6.30 -13.68
CA LEU B 178 -7.93 7.03 -12.86
C LEU B 178 -7.79 6.31 -11.51
N ARG B 179 -6.61 6.37 -10.92
CA ARG B 179 -6.39 5.71 -9.65
C ARG B 179 -6.74 6.65 -8.50
N TRP B 180 -7.64 6.16 -7.65
CA TRP B 180 -8.15 6.93 -6.52
C TRP B 180 -7.79 6.23 -5.25
N VAL B 181 -6.75 6.71 -4.56
CA VAL B 181 -6.35 6.05 -3.33
C VAL B 181 -6.02 7.11 -2.30
N ARG B 182 -6.76 7.13 -1.20
CA ARG B 182 -6.50 8.16 -0.21
C ARG B 182 -5.05 8.20 0.26
N LYS B 183 -4.49 9.40 0.39
CA LYS B 183 -3.14 9.59 0.88
C LYS B 183 -3.20 9.57 2.40
N THR B 184 -2.45 8.64 3.01
CA THR B 184 -2.45 8.56 4.46
C THR B 184 -1.06 8.67 5.10
N PRO B 185 -1.00 9.24 6.33
CA PRO B 185 0.17 9.42 7.21
C PRO B 185 -0.01 8.63 8.52
N GLU C 6 -29.65 -6.04 28.03
CA GLU C 6 -28.65 -6.10 29.08
C GLU C 6 -27.26 -6.58 28.62
N PHE C 7 -26.95 -7.85 28.87
CA PHE C 7 -25.65 -8.40 28.49
C PHE C 7 -25.68 -9.41 27.34
N PRO C 8 -25.12 -9.02 26.19
CA PRO C 8 -25.12 -9.95 25.04
C PRO C 8 -24.37 -11.22 25.36
N GLU C 9 -24.23 -12.07 24.33
CA GLU C 9 -23.56 -13.35 24.47
C GLU C 9 -23.32 -14.02 23.10
N VAL C 15 -14.75 -10.62 18.59
CA VAL C 15 -13.41 -10.03 18.63
C VAL C 15 -13.01 -9.59 20.06
N ILE C 16 -13.27 -10.47 21.02
CA ILE C 16 -12.96 -10.19 22.42
C ILE C 16 -12.08 -11.30 22.97
N ASN C 17 -12.32 -11.60 24.25
CA ASN C 17 -11.63 -12.67 24.93
C ASN C 17 -12.69 -13.46 25.68
N GLN C 18 -13.22 -14.52 25.05
CA GLN C 18 -14.27 -15.37 25.64
C GLN C 18 -14.28 -15.57 27.17
N PRO C 19 -13.13 -15.97 27.75
CA PRO C 19 -13.07 -16.21 29.20
C PRO C 19 -13.13 -14.94 30.06
N MET C 20 -12.70 -13.81 29.52
CA MET C 20 -12.79 -12.55 30.25
C MET C 20 -14.23 -12.08 30.17
N MET C 21 -14.83 -12.23 29.02
CA MET C 21 -16.18 -11.80 28.84
C MET C 21 -17.08 -12.69 29.63
N MET C 22 -16.68 -13.94 29.75
CA MET C 22 -17.46 -14.91 30.49
C MET C 22 -17.48 -14.54 31.93
N ALA C 23 -16.36 -14.00 32.39
CA ALA C 23 -16.20 -13.65 33.79
C ALA C 23 -16.89 -12.34 34.03
N ALA C 24 -16.84 -11.47 33.03
CA ALA C 24 -17.46 -10.16 33.13
C ALA C 24 -18.93 -10.46 33.36
N ARG C 25 -19.52 -11.24 32.44
CA ARG C 25 -20.92 -11.62 32.51
C ARG C 25 -21.35 -12.27 33.82
N GLN C 26 -20.59 -13.23 34.31
CA GLN C 26 -20.95 -13.84 35.57
C GLN C 26 -21.13 -12.82 36.71
N LEU C 27 -20.29 -11.79 36.73
CA LEU C 27 -20.39 -10.79 37.82
C LEU C 27 -21.64 -10.00 37.59
N HIS C 28 -21.76 -9.52 36.36
CA HIS C 28 -22.93 -8.79 35.94
C HIS C 28 -24.28 -9.37 36.38
N ASP C 29 -24.52 -10.65 36.12
CA ASP C 29 -25.74 -11.33 36.52
C ASP C 29 -25.98 -11.36 38.04
N GLU C 30 -24.92 -11.55 38.82
CA GLU C 30 -25.13 -11.60 40.24
C GLU C 30 -25.54 -10.26 40.84
N ALA C 31 -25.07 -9.17 40.23
CA ALA C 31 -25.35 -7.82 40.67
C ALA C 31 -26.61 -7.23 40.03
N ARG C 32 -27.00 -7.72 38.85
CA ARG C 32 -28.21 -7.22 38.21
C ARG C 32 -29.39 -7.77 39.00
N LYS C 33 -29.12 -8.73 39.89
CA LYS C 33 -30.17 -9.30 40.71
C LYS C 33 -30.75 -8.24 41.67
N TRP C 34 -29.99 -7.18 41.89
CA TRP C 34 -30.39 -6.14 42.82
C TRP C 34 -30.49 -4.74 42.23
N SER C 35 -31.17 -3.86 42.95
CA SER C 35 -31.26 -2.47 42.54
C SER C 35 -30.01 -1.71 43.01
N SER C 36 -29.46 -0.86 42.14
CA SER C 36 -28.31 0.00 42.48
C SER C 36 -28.64 1.08 43.56
N LYS C 37 -29.94 1.39 43.70
CA LYS C 37 -30.44 2.42 44.59
C LYS C 37 -30.05 2.26 46.07
N GLY C 38 -29.16 3.10 46.57
CA GLY C 38 -28.74 3.00 47.95
C GLY C 38 -27.70 1.92 48.25
N ASN C 39 -27.17 1.30 47.20
CA ASN C 39 -26.16 0.24 47.32
C ASN C 39 -25.02 0.44 46.31
N ASP C 40 -23.96 1.14 46.74
CA ASP C 40 -22.81 1.41 45.87
C ASP C 40 -21.98 0.15 45.61
N ILE C 41 -22.18 -0.90 46.41
CA ILE C 41 -21.47 -2.15 46.18
C ILE C 41 -21.94 -2.68 44.82
N ILE C 42 -23.26 -2.59 44.59
CA ILE C 42 -23.84 -3.06 43.35
C ILE C 42 -23.50 -2.13 42.21
N ALA C 43 -23.48 -0.85 42.49
CA ALA C 43 -23.12 0.08 41.43
C ALA C 43 -21.66 -0.16 40.97
N ALA C 44 -20.77 -0.40 41.93
CA ALA C 44 -19.34 -0.70 41.67
C ALA C 44 -19.24 -1.99 40.86
N ALA C 45 -19.88 -3.04 41.37
CA ALA C 45 -19.86 -4.33 40.72
C ALA C 45 -20.26 -4.22 39.23
N LYS C 46 -21.38 -3.54 38.97
CA LYS C 46 -21.86 -3.39 37.61
C LYS C 46 -20.85 -2.67 36.72
N ARG C 47 -20.15 -1.69 37.30
CA ARG C 47 -19.14 -0.92 36.61
C ARG C 47 -17.94 -1.80 36.32
N MET C 48 -17.57 -2.62 37.31
CA MET C 48 -16.46 -3.55 37.15
C MET C 48 -16.74 -4.51 36.01
N ALA C 49 -17.93 -5.07 36.00
CA ALA C 49 -18.32 -6.04 35.00
C ALA C 49 -18.21 -5.41 33.62
N LEU C 50 -18.67 -4.16 33.52
CA LEU C 50 -18.60 -3.39 32.27
C LEU C 50 -17.15 -3.13 31.79
N LEU C 51 -16.27 -2.75 32.71
CA LEU C 51 -14.88 -2.48 32.38
C LEU C 51 -14.10 -3.74 32.05
N MET C 52 -14.61 -4.87 32.54
CA MET C 52 -14.01 -6.20 32.30
C MET C 52 -14.33 -6.61 30.88
N ALA C 53 -15.51 -6.21 30.43
CA ALA C 53 -15.93 -6.50 29.08
C ALA C 53 -15.05 -5.63 28.18
N GLU C 54 -14.78 -4.41 28.62
CA GLU C 54 -13.96 -3.53 27.79
C GLU C 54 -12.57 -4.15 27.70
N MET C 55 -12.15 -4.81 28.76
CA MET C 55 -10.83 -5.42 28.79
C MET C 55 -10.69 -6.60 27.82
N SER C 56 -11.72 -7.41 27.67
CA SER C 56 -11.65 -8.53 26.73
C SER C 56 -11.52 -7.97 25.32
N ARG C 57 -12.19 -6.88 25.07
CA ARG C 57 -12.04 -6.24 23.80
C ARG C 57 -10.60 -5.72 23.65
N LEU C 58 -10.13 -4.98 24.65
CA LEU C 58 -8.77 -4.40 24.64
C LEU C 58 -7.70 -5.44 24.45
N VAL C 59 -7.89 -6.57 25.13
CA VAL C 59 -6.95 -7.70 25.08
C VAL C 59 -6.67 -8.26 23.65
N ARG C 60 -7.39 -7.73 22.66
CA ARG C 60 -7.16 -8.07 21.25
C ARG C 60 -6.55 -6.84 20.56
N GLY C 61 -6.96 -5.65 21.02
CA GLY C 61 -6.56 -4.34 20.53
C GLY C 61 -5.38 -4.09 19.60
N GLY C 62 -4.37 -4.97 19.59
CA GLY C 62 -3.17 -4.83 18.78
C GLY C 62 -2.34 -3.63 19.25
N SER C 63 -2.88 -2.44 18.96
CA SER C 63 -2.26 -1.16 19.32
C SER C 63 -3.29 -0.06 19.65
N GLY C 64 -2.84 0.96 20.38
CA GLY C 64 -3.64 2.10 20.74
C GLY C 64 -4.33 1.58 21.99
N THR C 65 -4.19 0.27 22.19
CA THR C 65 -4.77 -0.37 23.35
C THR C 65 -3.87 -0.26 24.56
N LYS C 66 -2.56 -0.08 24.33
CA LYS C 66 -1.57 0.09 25.41
C LYS C 66 -2.07 1.06 26.50
N ARG C 67 -2.25 2.32 26.13
CA ARG C 67 -2.74 3.29 27.08
C ARG C 67 -4.10 2.92 27.69
N ALA C 68 -5.01 2.45 26.82
CA ALA C 68 -6.34 2.06 27.28
C ALA C 68 -6.26 0.92 28.28
N LEU C 69 -5.53 -0.12 27.91
CA LEU C 69 -5.37 -1.32 28.73
C LEU C 69 -4.97 -0.98 30.15
N ILE C 70 -3.94 -0.15 30.23
CA ILE C 70 -3.43 0.33 31.51
C ILE C 70 -4.52 1.10 32.29
N GLN C 71 -5.04 2.17 31.67
CA GLN C 71 -6.08 2.99 32.28
C GLN C 71 -7.25 2.10 32.71
N CYS C 72 -7.57 1.13 31.86
CA CYS C 72 -8.68 0.27 32.17
C CYS C 72 -8.49 -0.54 33.41
N ALA C 73 -7.28 -1.04 33.60
CA ALA C 73 -7.05 -1.81 34.79
C ALA C 73 -7.06 -0.85 35.99
N LYS C 74 -6.53 0.36 35.81
CA LYS C 74 -6.53 1.34 36.88
C LYS C 74 -7.95 1.65 37.29
N ASP C 75 -8.85 1.60 36.31
CA ASP C 75 -10.26 1.87 36.55
C ASP C 75 -10.84 0.74 37.38
N ILE C 76 -10.58 -0.48 36.94
CA ILE C 76 -11.07 -1.67 37.65
C ILE C 76 -10.70 -1.68 39.12
N ALA C 77 -9.44 -1.35 39.38
CA ALA C 77 -8.91 -1.27 40.74
C ALA C 77 -9.68 -0.23 41.61
N LYS C 78 -9.91 0.93 41.03
CA LYS C 78 -10.66 1.96 41.75
C LYS C 78 -12.04 1.40 42.19
N ALA C 79 -12.65 0.62 41.31
CA ALA C 79 -13.95 0.03 41.60
C ALA C 79 -13.85 -1.04 42.67
N SER C 80 -12.77 -1.81 42.69
CA SER C 80 -12.62 -2.81 43.73
C SER C 80 -12.25 -2.15 45.03
N ASP C 81 -11.46 -1.09 44.97
CA ASP C 81 -11.12 -0.37 46.20
C ASP C 81 -12.39 0.12 46.92
N GLU C 82 -13.41 0.43 46.13
CA GLU C 82 -14.67 0.88 46.72
C GLU C 82 -15.57 -0.26 47.21
N VAL C 83 -15.42 -1.45 46.60
CA VAL C 83 -16.20 -2.60 47.01
C VAL C 83 -15.62 -3.07 48.34
N THR C 84 -14.31 -3.09 48.43
CA THR C 84 -13.67 -3.46 49.67
C THR C 84 -14.01 -2.48 50.78
N ARG C 85 -13.89 -1.18 50.46
CA ARG C 85 -14.12 -0.09 51.41
C ARG C 85 -15.48 -0.15 52.07
N LEU C 86 -16.47 -0.46 51.25
CA LEU C 86 -17.83 -0.53 51.68
C LEU C 86 -18.16 -1.84 52.40
N ALA C 87 -17.59 -2.92 51.88
CA ALA C 87 -17.79 -4.24 52.46
C ALA C 87 -17.25 -4.28 53.88
N LYS C 88 -16.30 -3.40 54.17
CA LYS C 88 -15.70 -3.35 55.48
C LYS C 88 -16.59 -2.59 56.45
N GLU C 89 -17.23 -1.53 55.94
CA GLU C 89 -18.15 -0.79 56.80
C GLU C 89 -19.36 -1.69 57.11
N VAL C 90 -19.70 -2.59 56.17
CA VAL C 90 -20.78 -3.54 56.39
C VAL C 90 -20.36 -4.51 57.46
N ALA C 91 -19.10 -4.90 57.40
CA ALA C 91 -18.57 -5.88 58.34
C ALA C 91 -18.43 -5.27 59.73
N LYS C 92 -18.08 -3.98 59.76
CA LYS C 92 -17.93 -3.26 61.01
C LYS C 92 -19.27 -3.09 61.73
N GLN C 93 -20.35 -3.25 60.98
CA GLN C 93 -21.69 -3.09 61.53
C GLN C 93 -22.29 -4.44 61.90
N CYS C 94 -21.77 -5.48 61.26
CA CYS C 94 -22.22 -6.85 61.48
C CYS C 94 -22.04 -7.28 62.92
N THR C 95 -23.00 -8.05 63.43
CA THR C 95 -22.97 -8.54 64.81
C THR C 95 -22.90 -10.07 64.83
N ASP C 96 -22.65 -10.64 63.66
CA ASP C 96 -22.51 -12.09 63.55
C ASP C 96 -21.05 -12.49 63.27
N LYS C 97 -20.39 -13.04 64.28
CA LYS C 97 -19.00 -13.44 64.13
C LYS C 97 -18.78 -14.35 62.93
N ARG C 98 -19.70 -15.31 62.75
CA ARG C 98 -19.60 -16.22 61.63
C ARG C 98 -19.48 -15.41 60.33
N ILE C 99 -20.49 -14.56 60.08
CA ILE C 99 -20.53 -13.77 58.86
C ILE C 99 -19.52 -12.62 58.78
N ARG C 100 -19.32 -11.90 59.89
CA ARG C 100 -18.38 -10.78 59.93
C ARG C 100 -17.03 -11.24 59.53
N THR C 101 -16.83 -12.54 59.73
CA THR C 101 -15.57 -13.20 59.43
C THR C 101 -15.43 -13.49 57.95
N ASN C 102 -16.32 -14.31 57.41
CA ASN C 102 -16.31 -14.62 56.00
C ASN C 102 -16.24 -13.33 55.21
N LEU C 103 -17.00 -12.32 55.59
CA LEU C 103 -16.94 -11.06 54.84
C LEU C 103 -15.54 -10.50 54.76
N LEU C 104 -14.88 -10.37 55.90
CA LEU C 104 -13.54 -9.84 55.86
C LEU C 104 -12.58 -10.74 55.08
N GLN C 105 -12.70 -12.04 55.25
CA GLN C 105 -11.85 -12.96 54.52
C GLN C 105 -11.88 -12.65 53.01
N VAL C 106 -13.01 -12.95 52.38
CA VAL C 106 -13.20 -12.75 50.95
C VAL C 106 -12.87 -11.36 50.41
N CYS C 107 -13.02 -10.34 51.23
CA CYS C 107 -12.77 -9.01 50.70
C CYS C 107 -11.37 -8.52 50.98
N GLU C 108 -10.51 -9.41 51.48
CA GLU C 108 -9.15 -8.99 51.77
C GLU C 108 -8.33 -9.15 50.53
N ARG C 109 -8.68 -10.20 49.80
CA ARG C 109 -7.94 -10.56 48.62
C ARG C 109 -8.18 -9.59 47.48
N ILE C 110 -9.33 -8.93 47.52
CA ILE C 110 -9.69 -8.01 46.46
C ILE C 110 -8.57 -7.07 45.99
N PRO C 111 -8.10 -6.18 46.90
CA PRO C 111 -7.01 -5.21 46.76
C PRO C 111 -5.82 -5.85 46.07
N THR C 112 -5.44 -7.01 46.59
CA THR C 112 -4.33 -7.80 46.08
C THR C 112 -4.52 -8.23 44.62
N ILE C 113 -5.59 -8.99 44.38
CA ILE C 113 -5.88 -9.45 43.03
C ILE C 113 -5.97 -8.27 42.10
N SER C 114 -6.57 -7.19 42.56
CA SER C 114 -6.69 -6.05 41.68
C SER C 114 -5.34 -5.39 41.37
N THR C 115 -4.36 -5.57 42.25
CA THR C 115 -3.03 -5.00 42.02
C THR C 115 -2.21 -5.88 41.09
N GLN C 116 -2.37 -7.19 41.22
CA GLN C 116 -1.70 -8.13 40.34
C GLN C 116 -2.23 -7.80 38.93
N LEU C 117 -3.49 -7.40 38.89
CA LEU C 117 -4.13 -7.12 37.63
C LEU C 117 -3.48 -5.94 36.90
N LYS C 118 -3.18 -4.88 37.65
CA LYS C 118 -2.56 -3.68 37.09
C LYS C 118 -1.19 -4.03 36.53
N ILE C 119 -0.53 -4.91 37.23
CA ILE C 119 0.79 -5.38 36.90
C ILE C 119 0.78 -6.28 35.68
N LEU C 120 -0.09 -7.28 35.68
CA LEU C 120 -0.20 -8.21 34.56
C LEU C 120 -0.53 -7.42 33.33
N SER C 121 -1.42 -6.44 33.49
CA SER C 121 -1.81 -5.64 32.33
C SER C 121 -0.73 -4.72 31.80
N THR C 122 0.19 -4.28 32.65
CA THR C 122 1.27 -3.43 32.16
C THR C 122 2.20 -4.24 31.25
N VAL C 123 2.50 -5.47 31.66
CA VAL C 123 3.36 -6.32 30.84
C VAL C 123 2.70 -6.58 29.51
N LYS C 124 1.41 -6.86 29.57
CA LYS C 124 0.63 -7.19 28.39
C LYS C 124 0.68 -6.00 27.44
N ALA C 125 0.44 -4.81 27.97
CA ALA C 125 0.48 -3.59 27.18
C ALA C 125 1.76 -3.44 26.39
N THR C 126 2.89 -3.48 27.07
CA THR C 126 4.18 -3.35 26.40
C THR C 126 4.44 -4.51 25.41
N MET C 127 3.85 -5.65 25.71
CA MET C 127 4.03 -6.77 24.82
C MET C 127 3.30 -6.52 23.51
N LEU C 128 2.18 -5.83 23.60
CA LEU C 128 1.39 -5.49 22.42
C LEU C 128 2.26 -4.70 21.46
N GLY C 129 2.19 -5.11 20.19
CA GLY C 129 2.95 -4.51 19.11
C GLY C 129 4.23 -5.29 18.81
N ARG C 130 4.89 -5.75 19.87
CA ARG C 130 6.11 -6.49 19.72
C ARG C 130 5.99 -7.66 18.73
N THR C 131 7.09 -7.89 18.01
CA THR C 131 7.20 -8.95 17.02
C THR C 131 8.31 -9.89 17.46
N ASN C 132 9.23 -9.37 18.26
CA ASN C 132 10.35 -10.15 18.77
C ASN C 132 9.94 -11.03 19.94
N ILE C 133 8.89 -10.66 20.65
CA ILE C 133 8.46 -11.48 21.77
C ILE C 133 7.92 -12.81 21.28
N SER C 134 8.31 -13.87 22.00
CA SER C 134 7.95 -15.24 21.68
C SER C 134 6.47 -15.55 21.72
N ASP C 135 6.08 -16.55 20.95
CA ASP C 135 4.71 -17.01 20.90
C ASP C 135 4.29 -17.40 22.30
N GLU C 136 5.03 -18.33 22.88
CA GLU C 136 4.67 -18.84 24.18
C GLU C 136 4.60 -17.76 25.24
N GLU C 137 5.46 -16.76 25.13
CA GLU C 137 5.49 -15.67 26.09
C GLU C 137 4.20 -14.87 26.04
N SER C 138 3.79 -14.52 24.84
CA SER C 138 2.60 -13.71 24.71
C SER C 138 1.32 -14.40 25.15
N GLU C 139 1.10 -15.65 24.75
CA GLU C 139 -0.14 -16.28 25.16
C GLU C 139 -0.14 -16.53 26.64
N GLN C 140 1.04 -16.61 27.22
CA GLN C 140 1.13 -16.79 28.66
C GLN C 140 0.83 -15.49 29.42
N ALA C 141 1.25 -14.35 28.87
CA ALA C 141 0.97 -13.07 29.50
C ALA C 141 -0.56 -12.94 29.56
N THR C 142 -1.21 -13.14 28.42
CA THR C 142 -2.66 -13.13 28.28
C THR C 142 -3.35 -14.11 29.26
N GLU C 143 -2.83 -15.31 29.41
CA GLU C 143 -3.50 -16.26 30.27
C GLU C 143 -3.44 -15.97 31.75
N MET C 144 -2.47 -15.18 32.16
CA MET C 144 -2.35 -14.80 33.58
C MET C 144 -3.29 -13.64 33.84
N LEU C 145 -3.59 -12.92 32.76
CA LEU C 145 -4.52 -11.82 32.81
C LEU C 145 -5.91 -12.46 33.05
N VAL C 146 -6.36 -13.27 32.09
CA VAL C 146 -7.61 -13.98 32.23
C VAL C 146 -7.79 -14.68 33.55
N HIS C 147 -6.73 -15.22 34.09
CA HIS C 147 -6.83 -15.95 35.33
C HIS C 147 -7.11 -15.01 36.46
N ASN C 148 -6.35 -13.91 36.50
CA ASN C 148 -6.48 -12.89 37.54
C ASN C 148 -7.86 -12.23 37.44
N ALA C 149 -8.34 -12.04 36.22
CA ALA C 149 -9.65 -11.46 35.94
C ALA C 149 -10.73 -12.40 36.46
N GLN C 150 -10.61 -13.67 36.14
CA GLN C 150 -11.57 -14.65 36.64
C GLN C 150 -11.74 -14.58 38.17
N ASN C 151 -10.61 -14.56 38.86
CA ASN C 151 -10.57 -14.55 40.32
C ASN C 151 -11.02 -13.19 40.89
N LEU C 152 -10.75 -12.11 40.18
CA LEU C 152 -11.21 -10.83 40.64
C LEU C 152 -12.73 -10.85 40.63
N MET C 153 -13.30 -11.21 39.50
CA MET C 153 -14.75 -11.24 39.40
C MET C 153 -15.29 -12.17 40.48
N GLN C 154 -14.73 -13.37 40.60
CA GLN C 154 -15.20 -14.31 41.61
C GLN C 154 -15.26 -13.70 43.00
N SER C 155 -14.20 -12.99 43.37
CA SER C 155 -14.13 -12.34 44.67
C SER C 155 -15.19 -11.25 44.82
N VAL C 156 -15.32 -10.39 43.81
CA VAL C 156 -16.32 -9.31 43.89
C VAL C 156 -17.73 -9.88 44.12
N LYS C 157 -18.06 -10.94 43.41
CA LYS C 157 -19.35 -11.56 43.56
C LYS C 157 -19.50 -12.35 44.86
N GLU C 158 -18.40 -12.88 45.39
CA GLU C 158 -18.52 -13.56 46.68
C GLU C 158 -18.77 -12.52 47.80
N THR C 159 -18.35 -11.29 47.56
CA THR C 159 -18.46 -10.20 48.54
C THR C 159 -19.88 -9.69 48.55
N VAL C 160 -20.37 -9.41 47.36
CA VAL C 160 -21.74 -8.98 47.17
C VAL C 160 -22.67 -9.92 47.92
N ARG C 161 -22.46 -11.22 47.79
CA ARG C 161 -23.30 -12.21 48.44
C ARG C 161 -23.17 -12.21 49.94
N GLU C 162 -21.93 -12.21 50.42
CA GLU C 162 -21.68 -12.22 51.84
C GLU C 162 -22.02 -10.90 52.51
N ALA C 163 -22.02 -9.83 51.74
CA ALA C 163 -22.32 -8.50 52.27
C ALA C 163 -23.81 -8.40 52.47
N GLU C 164 -24.55 -9.04 51.59
CA GLU C 164 -25.98 -8.96 51.66
C GLU C 164 -26.36 -9.75 52.87
N ALA C 165 -25.74 -10.90 53.02
CA ALA C 165 -26.02 -11.79 54.15
C ALA C 165 -25.80 -11.05 55.46
N ALA C 166 -24.76 -10.22 55.47
CA ALA C 166 -24.35 -9.48 56.65
C ALA C 166 -25.11 -8.20 56.89
N SER C 167 -26.07 -7.90 56.03
CA SER C 167 -26.84 -6.65 56.15
C SER C 167 -28.08 -6.89 57.00
N ILE C 168 -28.64 -8.10 56.82
CA ILE C 168 -29.82 -8.61 57.52
C ILE C 168 -29.71 -8.50 59.06
N THR C 177 -25.16 1.03 56.39
CA THR C 177 -26.44 0.43 56.01
C THR C 177 -26.54 0.44 54.48
N LEU C 178 -26.78 -0.71 53.87
CA LEU C 178 -26.82 -0.77 52.41
C LEU C 178 -28.16 -1.30 51.98
N ARG C 179 -28.71 -0.75 50.91
CA ARG C 179 -30.02 -1.16 50.44
C ARG C 179 -30.04 -2.37 49.49
N TRP C 180 -30.56 -3.46 50.05
CA TRP C 180 -30.68 -4.75 49.35
C TRP C 180 -32.15 -5.05 49.00
N VAL C 181 -32.52 -4.74 47.77
CA VAL C 181 -33.87 -4.99 47.27
C VAL C 181 -33.74 -5.75 45.96
N ARG C 182 -34.40 -6.88 45.83
CA ARG C 182 -34.29 -7.61 44.58
C ARG C 182 -34.78 -6.76 43.43
N LYS C 183 -34.34 -7.06 42.22
CA LYS C 183 -34.84 -6.39 41.04
C LYS C 183 -35.91 -7.37 40.56
N THR C 184 -37.16 -6.92 40.46
CA THR C 184 -38.23 -7.78 39.92
C THR C 184 -38.88 -7.24 38.66
N PRO C 185 -39.41 -8.15 37.80
CA PRO C 185 -40.10 -7.91 36.53
C PRO C 185 -41.59 -8.26 36.59
N GLU D 6 0.71 -35.45 16.86
CA GLU D 6 0.51 -34.56 18.01
C GLU D 6 -0.39 -33.38 17.67
N PHE D 7 -0.39 -32.34 18.51
CA PHE D 7 -1.21 -31.13 18.35
C PHE D 7 -1.33 -30.51 19.74
N PRO D 8 -1.46 -29.19 19.82
CA PRO D 8 -1.54 -28.58 21.16
C PRO D 8 -2.97 -28.15 21.56
N GLU D 9 -3.08 -27.24 22.55
CA GLU D 9 -4.40 -26.79 23.05
C GLU D 9 -4.62 -25.27 23.16
N VAL D 15 -4.13 -16.27 20.01
CA VAL D 15 -4.50 -15.39 18.90
C VAL D 15 -5.22 -16.16 17.80
N ILE D 16 -5.75 -17.33 18.16
CA ILE D 16 -6.33 -18.24 17.18
C ILE D 16 -7.81 -18.45 17.42
N ASN D 17 -8.61 -18.31 16.36
CA ASN D 17 -10.02 -18.68 16.40
C ASN D 17 -10.25 -19.99 17.13
N GLN D 18 -10.67 -19.91 18.38
CA GLN D 18 -11.00 -21.10 19.16
C GLN D 18 -11.81 -22.12 18.43
N PRO D 19 -12.96 -21.72 17.89
CA PRO D 19 -13.80 -22.72 17.22
C PRO D 19 -13.26 -23.27 15.87
N MET D 20 -12.37 -22.56 15.20
CA MET D 20 -11.80 -23.08 13.95
C MET D 20 -10.69 -24.08 14.30
N MET D 21 -9.93 -23.71 15.31
CA MET D 21 -8.93 -24.60 15.80
C MET D 21 -9.51 -25.84 16.45
N MET D 22 -10.71 -25.74 17.00
CA MET D 22 -11.33 -26.88 17.62
C MET D 22 -11.72 -27.84 16.54
N ALA D 23 -12.21 -27.31 15.43
CA ALA D 23 -12.66 -28.16 14.34
C ALA D 23 -11.43 -28.70 13.62
N ALA D 24 -10.39 -27.89 13.52
CA ALA D 24 -9.16 -28.34 12.90
C ALA D 24 -8.69 -29.54 13.71
N ARG D 25 -8.70 -29.40 15.03
CA ARG D 25 -8.25 -30.46 15.95
C ARG D 25 -9.10 -31.70 15.92
N GLN D 26 -10.41 -31.55 15.87
CA GLN D 26 -11.29 -32.72 15.83
C GLN D 26 -11.06 -33.61 14.63
N LEU D 27 -10.77 -32.99 13.48
CA LEU D 27 -10.44 -33.71 12.25
C LEU D 27 -9.08 -34.36 12.49
N HIS D 28 -8.09 -33.57 12.84
CA HIS D 28 -6.80 -34.12 13.14
C HIS D 28 -6.74 -35.40 13.97
N ASP D 29 -7.50 -35.44 15.06
CA ASP D 29 -7.55 -36.60 15.95
C ASP D 29 -8.11 -37.83 15.26
N GLU D 30 -9.15 -37.64 14.45
CA GLU D 30 -9.72 -38.77 13.74
C GLU D 30 -8.75 -39.39 12.72
N ALA D 31 -7.98 -38.56 12.00
CA ALA D 31 -7.02 -39.05 11.01
C ALA D 31 -5.69 -39.54 11.60
N ARG D 32 -5.34 -39.06 12.79
CA ARG D 32 -4.08 -39.44 13.41
C ARG D 32 -4.28 -40.82 14.03
N LYS D 33 -5.48 -41.36 13.89
CA LYS D 33 -5.80 -42.69 14.37
C LYS D 33 -5.13 -43.66 13.43
N TRP D 34 -4.88 -43.22 12.20
CA TRP D 34 -4.30 -44.05 11.13
C TRP D 34 -2.97 -43.62 10.51
N SER D 35 -2.26 -44.59 9.95
CA SER D 35 -1.01 -44.35 9.29
C SER D 35 -1.32 -43.78 7.91
N SER D 36 -0.58 -42.77 7.53
CA SER D 36 -0.77 -42.12 6.25
C SER D 36 -0.30 -43.03 5.17
N LYS D 37 0.69 -43.86 5.46
CA LYS D 37 1.33 -44.76 4.49
C LYS D 37 0.29 -45.51 3.65
N GLY D 38 0.21 -45.19 2.34
CA GLY D 38 -0.71 -45.84 1.40
C GLY D 38 -2.20 -45.53 1.52
N ASN D 39 -2.48 -44.39 2.16
CA ASN D 39 -3.82 -43.85 2.41
C ASN D 39 -3.83 -42.32 2.23
N ASP D 40 -3.97 -41.88 1.00
CA ASP D 40 -3.96 -40.47 0.64
C ASP D 40 -5.15 -39.73 1.19
N ILE D 41 -6.12 -40.51 1.69
CA ILE D 41 -7.29 -39.92 2.29
C ILE D 41 -6.83 -39.37 3.65
N ILE D 42 -6.01 -40.13 4.38
CA ILE D 42 -5.52 -39.68 5.66
C ILE D 42 -4.47 -38.56 5.45
N ALA D 43 -3.69 -38.69 4.38
CA ALA D 43 -2.69 -37.68 4.08
C ALA D 43 -3.36 -36.33 3.82
N ALA D 44 -4.45 -36.38 3.05
CA ALA D 44 -5.22 -35.21 2.67
C ALA D 44 -5.90 -34.59 3.91
N ALA D 45 -6.58 -35.45 4.68
CA ALA D 45 -7.27 -35.03 5.85
C ALA D 45 -6.30 -34.33 6.81
N LYS D 46 -5.14 -34.95 7.08
CA LYS D 46 -4.14 -34.35 7.97
C LYS D 46 -3.70 -32.95 7.48
N ARG D 47 -3.58 -32.84 6.15
CA ARG D 47 -3.23 -31.58 5.50
C ARG D 47 -4.31 -30.51 5.71
N MET D 48 -5.56 -30.84 5.38
CA MET D 48 -6.67 -29.93 5.63
C MET D 48 -6.68 -29.43 7.07
N ALA D 49 -6.68 -30.35 8.05
CA ALA D 49 -6.64 -29.98 9.47
C ALA D 49 -5.53 -28.94 9.76
N LEU D 50 -4.36 -29.14 9.15
CA LEU D 50 -3.20 -28.26 9.32
C LEU D 50 -3.39 -26.87 8.67
N LEU D 51 -4.12 -26.84 7.55
CA LEU D 51 -4.46 -25.60 6.87
C LEU D 51 -5.66 -24.88 7.58
N MET D 52 -6.48 -25.66 8.30
CA MET D 52 -7.58 -25.14 9.07
C MET D 52 -7.07 -24.44 10.31
N ALA D 53 -5.99 -24.99 10.84
CA ALA D 53 -5.30 -24.45 11.98
C ALA D 53 -4.70 -23.11 11.52
N GLU D 54 -4.10 -23.10 10.32
CA GLU D 54 -3.52 -21.87 9.81
C GLU D 54 -4.61 -20.80 9.67
N MET D 55 -5.78 -21.21 9.22
CA MET D 55 -6.84 -20.28 8.98
C MET D 55 -7.32 -19.54 10.21
N SER D 56 -7.48 -20.24 11.34
CA SER D 56 -7.95 -19.58 12.56
C SER D 56 -6.92 -18.50 12.92
N ARG D 57 -5.65 -18.80 12.66
CA ARG D 57 -4.61 -17.84 12.88
C ARG D 57 -4.87 -16.67 11.92
N LEU D 58 -4.92 -16.95 10.60
CA LEU D 58 -5.19 -15.94 9.58
C LEU D 58 -6.45 -15.11 9.80
N VAL D 59 -7.47 -15.71 10.40
CA VAL D 59 -8.74 -15.05 10.71
C VAL D 59 -8.61 -13.89 11.73
N ARG D 60 -7.43 -13.69 12.29
CA ARG D 60 -7.19 -12.55 13.18
C ARG D 60 -6.26 -11.57 12.45
N GLY D 61 -5.34 -12.13 11.67
CA GLY D 61 -4.32 -11.49 10.85
C GLY D 61 -4.33 -10.01 10.58
N GLY D 62 -5.52 -9.42 10.51
CA GLY D 62 -5.63 -8.00 10.23
C GLY D 62 -5.34 -7.79 8.75
N SER D 63 -4.08 -7.96 8.38
CA SER D 63 -3.62 -7.86 6.97
C SER D 63 -2.13 -8.21 7.08
N GLY D 64 -1.40 -8.62 6.03
CA GLY D 64 -1.74 -8.95 4.68
C GLY D 64 -2.09 -10.43 4.73
N THR D 65 -3.06 -10.70 5.60
CA THR D 65 -3.62 -12.02 5.73
C THR D 65 -4.59 -12.14 4.55
N LYS D 66 -4.87 -11.02 3.88
CA LYS D 66 -5.75 -11.00 2.70
C LYS D 66 -5.30 -12.03 1.63
N ARG D 67 -4.08 -11.90 1.15
CA ARG D 67 -3.59 -12.84 0.17
C ARG D 67 -3.50 -14.23 0.73
N ALA D 68 -2.99 -14.33 1.94
CA ALA D 68 -2.83 -15.65 2.57
C ALA D 68 -4.19 -16.30 2.70
N LEU D 69 -5.09 -15.66 3.43
CA LEU D 69 -6.45 -16.17 3.66
C LEU D 69 -7.07 -16.77 2.41
N ILE D 70 -6.93 -16.06 1.29
CA ILE D 70 -7.41 -16.53 -0.01
C ILE D 70 -6.68 -17.80 -0.45
N GLN D 71 -5.34 -17.71 -0.54
CA GLN D 71 -4.58 -18.88 -0.94
C GLN D 71 -4.87 -20.11 -0.04
N CYS D 72 -5.06 -19.86 1.25
CA CYS D 72 -5.25 -20.91 2.20
C CYS D 72 -6.55 -21.66 1.93
N ALA D 73 -7.60 -20.91 1.58
CA ALA D 73 -8.91 -21.47 1.28
C ALA D 73 -8.83 -22.20 -0.08
N LYS D 74 -7.94 -21.74 -0.94
CA LYS D 74 -7.76 -22.45 -2.21
C LYS D 74 -7.06 -23.78 -1.97
N ASP D 75 -6.11 -23.76 -1.05
CA ASP D 75 -5.41 -24.98 -0.69
C ASP D 75 -6.45 -25.97 -0.16
N ILE D 76 -7.23 -25.53 0.82
CA ILE D 76 -8.17 -26.43 1.49
C ILE D 76 -9.05 -27.15 0.49
N ALA D 77 -9.55 -26.39 -0.48
CA ALA D 77 -10.41 -26.99 -1.47
C ALA D 77 -9.62 -27.98 -2.31
N LYS D 78 -8.34 -27.72 -2.55
CA LYS D 78 -7.57 -28.70 -3.32
C LYS D 78 -7.57 -30.04 -2.58
N ALA D 79 -7.24 -29.99 -1.28
CA ALA D 79 -7.26 -31.16 -0.39
C ALA D 79 -8.62 -31.88 -0.34
N SER D 80 -9.74 -31.14 -0.24
CA SER D 80 -11.05 -31.79 -0.26
C SER D 80 -11.33 -32.51 -1.58
N ASP D 81 -11.05 -31.81 -2.70
CA ASP D 81 -11.22 -32.36 -4.04
C ASP D 81 -10.58 -33.75 -4.17
N GLU D 82 -9.46 -33.95 -3.47
CA GLU D 82 -8.76 -35.25 -3.47
C GLU D 82 -9.37 -36.24 -2.48
N VAL D 83 -9.97 -35.72 -1.42
CA VAL D 83 -10.64 -36.60 -0.47
C VAL D 83 -11.85 -37.18 -1.21
N THR D 84 -12.58 -36.31 -1.90
CA THR D 84 -13.75 -36.73 -2.67
C THR D 84 -13.35 -37.73 -3.76
N ARG D 85 -12.42 -37.31 -4.61
CA ARG D 85 -11.93 -38.13 -5.70
C ARG D 85 -11.61 -39.56 -5.26
N LEU D 86 -10.92 -39.71 -4.14
CA LEU D 86 -10.52 -41.01 -3.61
C LEU D 86 -11.67 -41.76 -2.92
N ALA D 87 -12.51 -41.01 -2.22
CA ALA D 87 -13.66 -41.61 -1.56
C ALA D 87 -14.54 -42.22 -2.64
N LYS D 88 -14.53 -41.64 -3.84
CA LYS D 88 -15.36 -42.14 -4.92
C LYS D 88 -14.82 -43.43 -5.54
N GLU D 89 -13.50 -43.53 -5.60
CA GLU D 89 -12.90 -44.72 -6.15
C GLU D 89 -13.11 -45.87 -5.16
N VAL D 90 -13.21 -45.53 -3.87
CA VAL D 90 -13.47 -46.50 -2.81
C VAL D 90 -14.89 -46.96 -2.95
N ALA D 91 -15.79 -46.02 -3.14
CA ALA D 91 -17.20 -46.32 -3.27
C ALA D 91 -17.44 -47.18 -4.53
N LYS D 92 -16.68 -46.88 -5.59
CA LYS D 92 -16.79 -47.59 -6.87
C LYS D 92 -16.31 -49.04 -6.70
N GLN D 93 -15.52 -49.28 -5.66
CA GLN D 93 -15.01 -50.62 -5.40
C GLN D 93 -15.85 -51.38 -4.38
N CYS D 94 -16.61 -50.64 -3.58
CA CYS D 94 -17.44 -51.24 -2.55
C CYS D 94 -18.54 -52.08 -3.18
N THR D 95 -18.85 -53.19 -2.52
CA THR D 95 -19.88 -54.12 -2.97
C THR D 95 -21.06 -54.13 -1.98
N ASP D 96 -21.08 -53.14 -1.11
CA ASP D 96 -22.15 -53.03 -0.13
C ASP D 96 -23.05 -51.80 -0.35
N LYS D 97 -24.23 -52.03 -0.93
CA LYS D 97 -25.17 -50.94 -1.20
C LYS D 97 -25.40 -50.04 0.02
N ARG D 98 -25.49 -50.64 1.20
CA ARG D 98 -25.72 -49.88 2.39
C ARG D 98 -24.63 -48.84 2.53
N ILE D 99 -23.39 -49.30 2.65
CA ILE D 99 -22.21 -48.45 2.76
C ILE D 99 -21.87 -47.63 1.53
N ARG D 100 -21.76 -48.26 0.36
CA ARG D 100 -21.45 -47.52 -0.87
C ARG D 100 -22.34 -46.28 -0.98
N THR D 101 -23.53 -46.38 -0.40
CA THR D 101 -24.49 -45.31 -0.45
C THR D 101 -24.15 -44.23 0.55
N ASN D 102 -23.89 -44.62 1.78
CA ASN D 102 -23.55 -43.64 2.79
C ASN D 102 -22.32 -42.88 2.33
N LEU D 103 -21.31 -43.59 1.89
CA LEU D 103 -20.11 -42.94 1.41
C LEU D 103 -20.35 -41.85 0.36
N LEU D 104 -21.18 -42.12 -0.63
CA LEU D 104 -21.41 -41.16 -1.68
C LEU D 104 -22.17 -39.97 -1.15
N GLN D 105 -23.10 -40.25 -0.25
CA GLN D 105 -23.91 -39.20 0.36
C GLN D 105 -23.04 -38.16 1.03
N VAL D 106 -22.28 -38.62 2.02
CA VAL D 106 -21.41 -37.74 2.81
C VAL D 106 -20.33 -37.01 2.06
N CYS D 107 -19.84 -37.60 0.98
CA CYS D 107 -18.75 -36.98 0.23
C CYS D 107 -19.22 -36.12 -0.91
N GLU D 108 -20.53 -36.00 -1.08
CA GLU D 108 -21.03 -35.19 -2.18
C GLU D 108 -20.98 -33.75 -1.77
N ARG D 109 -21.34 -33.51 -0.51
CA ARG D 109 -21.38 -32.17 0.04
C ARG D 109 -20.00 -31.53 0.13
N ILE D 110 -18.96 -32.34 0.26
CA ILE D 110 -17.61 -31.83 0.43
C ILE D 110 -17.21 -30.71 -0.50
N PRO D 111 -17.34 -30.92 -1.82
CA PRO D 111 -17.01 -29.94 -2.87
C PRO D 111 -17.77 -28.64 -2.63
N THR D 112 -19.06 -28.77 -2.35
CA THR D 112 -19.92 -27.62 -2.10
C THR D 112 -19.47 -26.83 -0.88
N ILE D 113 -19.36 -27.50 0.26
CA ILE D 113 -18.90 -26.90 1.49
C ILE D 113 -17.57 -26.20 1.26
N SER D 114 -16.66 -26.83 0.54
CA SER D 114 -15.35 -26.24 0.28
C SER D 114 -15.39 -25.02 -0.65
N THR D 115 -16.44 -24.95 -1.47
CA THR D 115 -16.65 -23.83 -2.38
C THR D 115 -17.23 -22.63 -1.64
N GLN D 116 -18.16 -22.90 -0.72
CA GLN D 116 -18.70 -21.87 0.14
C GLN D 116 -17.53 -21.26 0.91
N LEU D 117 -16.65 -22.14 1.36
CA LEU D 117 -15.51 -21.69 2.10
C LEU D 117 -14.64 -20.70 1.34
N LYS D 118 -14.42 -20.96 0.05
CA LYS D 118 -13.64 -20.04 -0.80
C LYS D 118 -14.36 -18.71 -0.95
N ILE D 119 -15.68 -18.77 -1.07
CA ILE D 119 -16.46 -17.55 -1.20
C ILE D 119 -16.51 -16.72 0.08
N LEU D 120 -16.75 -17.39 1.22
CA LEU D 120 -16.80 -16.74 2.53
C LEU D 120 -15.48 -16.13 2.92
N SER D 121 -14.42 -16.81 2.52
CA SER D 121 -13.11 -16.33 2.85
C SER D 121 -12.74 -15.11 2.05
N THR D 122 -13.26 -15.02 0.82
CA THR D 122 -12.93 -13.82 0.02
C THR D 122 -13.53 -12.55 0.62
N VAL D 123 -14.82 -12.63 1.00
CA VAL D 123 -15.51 -11.51 1.67
C VAL D 123 -14.69 -11.14 2.90
N LYS D 124 -14.33 -12.14 3.69
CA LYS D 124 -13.61 -11.89 4.92
C LYS D 124 -12.32 -11.18 4.64
N ALA D 125 -11.69 -11.52 3.54
CA ALA D 125 -10.40 -10.95 3.18
C ALA D 125 -10.47 -9.48 2.89
N THR D 126 -11.43 -9.08 2.05
CA THR D 126 -11.61 -7.68 1.66
C THR D 126 -12.08 -6.89 2.88
N MET D 127 -12.86 -7.54 3.74
CA MET D 127 -13.33 -6.89 4.93
C MET D 127 -12.16 -6.49 5.81
N LEU D 128 -11.15 -7.35 5.88
CA LEU D 128 -9.96 -7.06 6.66
C LEU D 128 -9.36 -5.70 6.25
N GLY D 129 -9.02 -4.92 7.27
CA GLY D 129 -8.45 -3.59 7.09
C GLY D 129 -9.53 -2.53 7.21
N ARG D 130 -10.65 -2.78 6.54
CA ARG D 130 -11.78 -1.84 6.56
C ARG D 130 -12.12 -1.34 7.97
N THR D 131 -12.56 -0.08 8.01
CA THR D 131 -12.91 0.62 9.24
C THR D 131 -14.36 1.07 9.15
N ASN D 132 -14.82 1.19 7.90
CA ASN D 132 -16.16 1.61 7.58
C ASN D 132 -17.16 0.47 7.79
N ILE D 133 -16.75 -0.76 7.50
CA ILE D 133 -17.65 -1.91 7.69
C ILE D 133 -18.15 -1.98 9.13
N SER D 134 -19.43 -2.29 9.27
CA SER D 134 -20.12 -2.34 10.56
C SER D 134 -19.64 -3.44 11.47
N ASP D 135 -19.90 -3.26 12.76
CA ASP D 135 -19.52 -4.24 13.76
C ASP D 135 -20.21 -5.56 13.51
N GLU D 136 -21.55 -5.49 13.45
CA GLU D 136 -22.36 -6.66 13.21
C GLU D 136 -21.98 -7.41 11.94
N GLU D 137 -21.73 -6.67 10.86
CA GLU D 137 -21.32 -7.25 9.58
C GLU D 137 -20.03 -8.09 9.67
N SER D 138 -19.02 -7.57 10.37
CA SER D 138 -17.76 -8.28 10.46
C SER D 138 -17.76 -9.52 11.35
N GLU D 139 -18.43 -9.47 12.50
CA GLU D 139 -18.45 -10.66 13.32
C GLU D 139 -19.36 -11.70 12.69
N GLN D 140 -20.21 -11.25 11.78
CA GLN D 140 -21.07 -12.19 11.05
C GLN D 140 -20.29 -12.83 9.86
N ALA D 141 -19.35 -12.09 9.28
CA ALA D 141 -18.60 -12.61 8.15
C ALA D 141 -17.82 -13.76 8.74
N THR D 142 -17.27 -13.49 9.91
CA THR D 142 -16.43 -14.44 10.63
C THR D 142 -17.14 -15.69 11.13
N GLU D 143 -18.40 -15.54 11.52
CA GLU D 143 -19.12 -16.67 12.04
C GLU D 143 -19.74 -17.59 11.02
N MET D 144 -19.70 -17.21 9.73
CA MET D 144 -20.21 -18.09 8.66
C MET D 144 -19.03 -18.94 8.19
N LEU D 145 -17.85 -18.40 8.40
CA LEU D 145 -16.61 -19.05 8.05
C LEU D 145 -16.49 -20.17 9.05
N VAL D 146 -16.47 -19.83 10.33
CA VAL D 146 -16.40 -20.82 11.39
C VAL D 146 -17.45 -21.93 11.22
N HIS D 147 -18.63 -21.53 10.79
CA HIS D 147 -19.70 -22.47 10.59
C HIS D 147 -19.41 -23.40 9.43
N ASN D 148 -18.96 -22.82 8.32
CA ASN D 148 -18.64 -23.58 7.11
C ASN D 148 -17.46 -24.50 7.39
N ALA D 149 -16.46 -23.96 8.11
CA ALA D 149 -15.26 -24.68 8.53
C ALA D 149 -15.65 -25.83 9.44
N GLN D 150 -16.46 -25.58 10.44
CA GLN D 150 -16.92 -26.67 11.30
C GLN D 150 -17.51 -27.83 10.51
N ASN D 151 -18.32 -27.51 9.51
CA ASN D 151 -18.98 -28.53 8.71
C ASN D 151 -18.09 -29.19 7.68
N LEU D 152 -17.10 -28.46 7.17
CA LEU D 152 -16.16 -29.05 6.22
C LEU D 152 -15.38 -30.13 6.95
N MET D 153 -14.93 -29.78 8.15
CA MET D 153 -14.20 -30.71 8.98
C MET D 153 -15.04 -31.92 9.33
N GLN D 154 -16.29 -31.68 9.69
CA GLN D 154 -17.20 -32.76 10.04
C GLN D 154 -17.46 -33.71 8.88
N SER D 155 -17.50 -33.15 7.67
CA SER D 155 -17.75 -33.97 6.51
C SER D 155 -16.53 -34.80 6.18
N VAL D 156 -15.36 -34.18 6.23
CA VAL D 156 -14.16 -34.90 5.90
C VAL D 156 -13.97 -36.05 6.87
N LYS D 157 -14.31 -35.84 8.13
CA LYS D 157 -14.11 -36.90 9.13
C LYS D 157 -15.15 -37.99 9.08
N GLU D 158 -16.32 -37.66 8.58
CA GLU D 158 -17.37 -38.62 8.42
C GLU D 158 -16.99 -39.48 7.22
N THR D 159 -16.32 -38.89 6.22
CA THR D 159 -15.88 -39.61 5.03
C THR D 159 -14.87 -40.65 5.46
N VAL D 160 -13.81 -40.17 6.06
CA VAL D 160 -12.74 -40.99 6.55
C VAL D 160 -13.25 -42.21 7.30
N ARG D 161 -14.40 -42.09 7.94
CA ARG D 161 -14.97 -43.19 8.70
C ARG D 161 -15.74 -44.12 7.80
N GLU D 162 -16.52 -43.55 6.90
CA GLU D 162 -17.27 -44.38 5.97
C GLU D 162 -16.38 -44.98 4.89
N ALA D 163 -15.24 -44.34 4.61
CA ALA D 163 -14.25 -44.86 3.63
C ALA D 163 -13.65 -46.13 4.21
N GLU D 164 -13.39 -46.09 5.51
CA GLU D 164 -12.78 -47.21 6.19
C GLU D 164 -13.75 -48.38 6.23
N ALA D 165 -15.00 -48.08 6.52
CA ALA D 165 -16.03 -49.12 6.54
C ALA D 165 -16.21 -49.81 5.16
N ALA D 166 -16.09 -49.02 4.09
CA ALA D 166 -16.24 -49.50 2.73
C ALA D 166 -14.95 -50.15 2.18
N SER D 167 -13.93 -50.26 3.03
CA SER D 167 -12.71 -50.90 2.60
C SER D 167 -12.80 -52.42 2.88
N ILE D 168 -13.81 -52.80 3.67
CA ILE D 168 -14.06 -54.19 4.06
C ILE D 168 -14.62 -55.10 2.94
N LYS D 169 -15.81 -54.78 2.46
CA LYS D 169 -16.44 -55.57 1.40
C LYS D 169 -15.89 -55.16 0.05
N ILE D 170 -14.71 -55.64 -0.30
CA ILE D 170 -14.15 -55.27 -1.59
C ILE D 170 -14.66 -56.12 -2.75
N ARG D 171 -14.75 -55.48 -3.92
CA ARG D 171 -15.20 -56.14 -5.15
C ARG D 171 -14.10 -57.07 -5.74
N THR D 172 -12.89 -56.52 -5.90
CA THR D 172 -11.72 -57.23 -6.45
C THR D 172 -10.49 -56.76 -5.66
N ASP D 173 -9.54 -57.67 -5.41
CA ASP D 173 -8.35 -57.31 -4.61
C ASP D 173 -7.40 -56.27 -5.21
N ALA D 174 -7.64 -55.95 -6.47
CA ALA D 174 -6.88 -54.94 -7.18
C ALA D 174 -7.66 -54.76 -8.46
N GLY D 175 -8.72 -53.95 -8.44
CA GLY D 175 -9.17 -53.15 -7.29
C GLY D 175 -8.28 -52.04 -6.75
N PHE D 176 -8.84 -50.85 -6.54
CA PHE D 176 -8.07 -49.77 -5.89
C PHE D 176 -8.10 -50.04 -4.38
N THR D 177 -7.12 -49.54 -3.64
CA THR D 177 -7.10 -49.78 -2.19
C THR D 177 -6.47 -48.73 -1.29
N LEU D 178 -7.07 -48.55 -0.13
CA LEU D 178 -6.52 -47.65 0.85
C LEU D 178 -6.00 -48.54 1.94
N ARG D 179 -4.83 -48.20 2.46
CA ARG D 179 -4.26 -48.93 3.56
C ARG D 179 -4.83 -48.33 4.87
N TRP D 180 -5.48 -49.20 5.65
CA TRP D 180 -6.12 -48.82 6.90
C TRP D 180 -5.41 -49.51 8.03
N VAL D 181 -4.27 -48.97 8.37
CA VAL D 181 -3.49 -49.50 9.48
C VAL D 181 -3.50 -48.54 10.68
N ARG D 182 -4.21 -48.93 11.73
CA ARG D 182 -4.28 -48.14 12.95
C ARG D 182 -2.89 -47.78 13.43
N LYS D 183 -2.65 -46.47 13.53
CA LYS D 183 -1.42 -45.95 14.10
C LYS D 183 -1.56 -46.10 15.61
N THR D 184 -0.49 -46.61 16.22
CA THR D 184 -0.48 -46.83 17.66
C THR D 184 0.97 -46.63 18.10
N PRO D 185 1.18 -46.28 19.39
CA PRO D 185 2.52 -46.02 19.96
C PRO D 185 3.13 -47.26 20.65
N HIS E 1 17.96 13.57 -60.88
CA HIS E 1 16.66 12.91 -60.87
C HIS E 1 15.68 13.47 -59.84
N MET E 2 14.99 12.57 -59.15
CA MET E 2 14.01 12.95 -58.13
C MET E 2 14.60 13.78 -56.99
N ARG E 3 13.74 14.16 -56.05
CA ARG E 3 14.17 14.94 -54.91
C ARG E 3 13.93 14.21 -53.59
N LYS E 4 13.75 12.90 -53.68
CA LYS E 4 13.55 12.07 -52.49
C LYS E 4 14.80 11.29 -52.21
N ILE E 5 15.29 11.38 -50.99
CA ILE E 5 16.47 10.62 -50.64
C ILE E 5 16.10 9.73 -49.49
N LEU E 6 16.88 8.68 -49.28
CA LEU E 6 16.66 7.82 -48.15
C LEU E 6 18.01 7.65 -47.48
N ILE E 7 17.98 7.88 -46.17
CA ILE E 7 19.13 7.81 -45.26
C ILE E 7 19.11 6.51 -44.43
N ARG E 8 20.22 5.77 -44.42
CA ARG E 8 20.35 4.51 -43.67
C ARG E 8 21.55 4.67 -42.74
N GLY E 9 21.51 3.94 -41.63
CA GLY E 9 22.61 3.97 -40.70
C GLY E 9 22.50 4.98 -39.58
N LEU E 10 21.31 5.57 -39.41
CA LEU E 10 21.09 6.54 -38.34
C LEU E 10 21.21 5.83 -36.99
N PRO E 11 21.51 6.59 -35.92
CA PRO E 11 21.64 6.07 -34.55
C PRO E 11 20.34 5.49 -34.03
N GLY E 12 20.40 4.61 -33.02
CA GLY E 12 19.21 4.00 -32.44
C GLY E 12 18.29 5.02 -31.78
N ASP E 13 18.93 5.95 -31.10
CA ASP E 13 18.25 7.01 -30.35
C ASP E 13 18.23 8.33 -31.16
N VAL E 14 18.16 8.23 -32.49
CA VAL E 14 18.11 9.44 -33.33
C VAL E 14 16.76 10.11 -33.07
N THR E 15 16.71 11.42 -33.23
CA THR E 15 15.47 12.21 -33.11
C THR E 15 15.16 12.90 -34.45
N ASN E 16 13.91 13.26 -34.68
CA ASN E 16 13.60 13.93 -35.92
C ASN E 16 14.48 15.18 -36.03
N GLN E 17 14.53 15.95 -34.95
CA GLN E 17 15.37 17.15 -34.91
C GLN E 17 16.75 16.92 -35.50
N GLU E 18 17.42 15.89 -35.01
CA GLU E 18 18.75 15.58 -35.50
C GLU E 18 18.78 15.46 -37.05
N VAL E 19 17.73 14.89 -37.65
CA VAL E 19 17.71 14.76 -39.10
C VAL E 19 17.61 16.10 -39.78
N HIS E 20 16.72 16.93 -39.24
CA HIS E 20 16.47 18.30 -39.71
C HIS E 20 17.71 19.16 -39.52
N ASP E 21 18.45 18.87 -38.44
CA ASP E 21 19.68 19.58 -38.13
C ASP E 21 20.75 19.14 -39.11
N LEU E 22 20.77 17.84 -39.34
CA LEU E 22 21.70 17.28 -40.29
C LEU E 22 21.60 18.05 -41.62
N LEU E 23 20.40 18.02 -42.20
CA LEU E 23 20.13 18.69 -43.46
C LEU E 23 19.56 20.08 -43.25
N SER E 24 20.16 20.79 -42.29
CA SER E 24 19.77 22.16 -42.00
C SER E 24 20.04 23.10 -43.17
N ASP E 25 20.87 22.66 -44.11
CA ASP E 25 21.20 23.46 -45.29
C ASP E 25 20.25 23.30 -46.47
N TYR E 26 19.17 22.55 -46.27
CA TYR E 26 18.19 22.27 -47.35
C TYR E 26 16.73 22.52 -46.97
N GLU E 27 15.86 22.46 -47.96
CA GLU E 27 14.45 22.68 -47.69
C GLU E 27 13.70 21.38 -47.63
N LEU E 28 13.42 20.96 -46.40
CA LEU E 28 12.70 19.72 -46.20
C LEU E 28 11.25 19.97 -46.57
N LYS E 29 10.70 19.10 -47.40
CA LYS E 29 9.28 19.15 -47.77
C LYS E 29 8.65 17.93 -47.11
N TYR E 30 9.43 16.87 -46.95
CA TYR E 30 8.97 15.68 -46.28
C TYR E 30 10.06 15.04 -45.41
N CYS E 31 9.66 14.46 -44.28
CA CYS E 31 10.63 13.88 -43.36
C CYS E 31 10.08 12.84 -42.43
N PHE E 32 10.31 11.59 -42.77
CA PHE E 32 9.84 10.51 -41.93
C PHE E 32 10.96 9.61 -41.41
N VAL E 33 11.21 9.70 -40.12
CA VAL E 33 12.24 8.95 -39.43
C VAL E 33 11.72 7.62 -38.83
N ASP E 34 12.38 6.52 -39.19
CA ASP E 34 11.98 5.21 -38.69
C ASP E 34 12.95 4.81 -37.61
N LYS E 35 12.61 5.10 -36.37
CA LYS E 35 13.49 4.79 -35.25
C LYS E 35 13.84 3.32 -35.03
N TYR E 36 12.92 2.44 -35.41
CA TYR E 36 13.17 1.02 -35.31
C TYR E 36 14.10 0.56 -36.41
N LYS E 37 14.23 1.33 -37.48
CA LYS E 37 15.10 0.94 -38.58
C LYS E 37 16.30 1.86 -38.81
N GLY E 38 16.31 3.01 -38.14
CA GLY E 38 17.41 3.93 -38.28
C GLY E 38 17.54 4.41 -39.71
N THR E 39 16.38 4.59 -40.34
CA THR E 39 16.33 5.06 -41.72
C THR E 39 15.35 6.20 -41.81
N ALA E 40 15.71 7.23 -42.59
CA ALA E 40 14.87 8.40 -42.77
C ALA E 40 14.44 8.52 -44.22
N PHE E 41 13.25 9.09 -44.42
CA PHE E 41 12.75 9.32 -45.76
C PHE E 41 12.50 10.78 -45.87
N VAL E 42 13.45 11.48 -46.48
CA VAL E 42 13.34 12.91 -46.64
C VAL E 42 13.01 13.16 -48.10
N THR E 43 12.41 14.32 -48.33
CA THR E 43 11.99 14.77 -49.63
C THR E 43 12.50 16.21 -49.66
N LEU E 44 13.32 16.54 -50.66
CA LEU E 44 13.88 17.88 -50.76
C LEU E 44 13.16 18.76 -51.75
N LEU E 45 13.57 20.03 -51.80
CA LEU E 45 12.98 21.01 -52.70
C LEU E 45 13.05 20.61 -54.19
N ASN E 46 14.20 20.10 -54.64
CA ASN E 46 14.36 19.69 -56.04
C ASN E 46 15.48 18.68 -56.35
N GLY E 47 15.69 18.42 -57.64
CA GLY E 47 16.71 17.48 -58.06
C GLY E 47 18.08 17.85 -57.52
N GLU E 48 18.47 19.11 -57.65
CA GLU E 48 19.79 19.57 -57.21
C GLU E 48 20.02 19.41 -55.71
N GLN E 49 19.01 19.74 -54.91
CA GLN E 49 19.13 19.63 -53.45
C GLN E 49 19.38 18.17 -53.06
N ALA E 50 18.63 17.25 -53.66
CA ALA E 50 18.81 15.84 -53.38
C ALA E 50 20.22 15.37 -53.74
N GLU E 51 20.80 15.99 -54.75
CA GLU E 51 22.15 15.66 -55.23
C GLU E 51 23.18 16.16 -54.24
N ALA E 52 23.09 17.43 -53.89
CA ALA E 52 24.04 18.01 -52.97
C ALA E 52 23.97 17.31 -51.61
N ALA E 53 22.75 16.95 -51.17
CA ALA E 53 22.54 16.23 -49.90
C ALA E 53 23.26 14.89 -49.97
N ILE E 54 22.99 14.11 -51.01
CA ILE E 54 23.66 12.83 -51.20
C ILE E 54 25.19 13.04 -51.12
N ASN E 55 25.70 13.98 -51.90
CA ASN E 55 27.15 14.21 -52.00
C ASN E 55 27.82 14.65 -50.68
N ALA E 56 27.16 15.55 -49.96
CA ALA E 56 27.66 16.03 -48.66
C ALA E 56 27.56 14.94 -47.59
N PHE E 57 26.51 14.13 -47.67
CA PHE E 57 26.09 13.26 -46.57
C PHE E 57 26.14 11.73 -46.77
N HIS E 58 26.51 11.24 -47.96
CA HIS E 58 26.70 9.82 -48.14
C HIS E 58 28.07 9.44 -47.59
N GLN E 59 28.11 8.52 -46.63
CA GLN E 59 29.36 8.09 -46.03
C GLN E 59 29.96 8.96 -44.93
N SER E 60 29.21 9.96 -44.48
CA SER E 60 29.66 10.81 -43.39
C SER E 60 29.27 10.14 -42.07
N ARG E 61 29.74 10.71 -40.98
CA ARG E 61 29.47 10.10 -39.70
C ARG E 61 28.51 10.94 -38.88
N LEU E 62 27.51 10.27 -38.30
CA LEU E 62 26.56 10.95 -37.43
C LEU E 62 26.70 10.29 -36.06
N ARG E 63 27.33 10.94 -35.19
CA ARG E 63 27.54 10.37 -33.96
C ARG E 63 28.17 9.12 -33.97
N GLU E 64 29.16 9.02 -34.71
CA GLU E 64 30.00 7.82 -34.80
C GLU E 64 29.41 6.73 -35.69
N ARG E 65 28.34 7.05 -36.40
CA ARG E 65 27.72 6.08 -37.32
C ARG E 65 27.83 6.53 -38.77
N GLU E 66 28.30 5.62 -39.63
CA GLU E 66 28.48 5.92 -41.05
C GLU E 66 27.12 5.94 -41.73
N LEU E 67 26.83 7.05 -42.41
CA LEU E 67 25.56 7.22 -43.10
C LEU E 67 25.65 6.84 -44.58
N SER E 68 24.53 6.32 -45.09
CA SER E 68 24.40 6.00 -46.49
C SER E 68 23.17 6.75 -47.00
N VAL E 69 23.45 7.84 -47.69
CA VAL E 69 22.46 8.70 -48.29
C VAL E 69 22.44 8.37 -49.77
N GLN E 70 21.24 8.13 -50.30
CA GLN E 70 21.08 7.79 -51.70
C GLN E 70 19.64 8.06 -52.16
N LEU E 71 19.44 8.21 -53.47
CA LEU E 71 18.10 8.46 -54.01
C LEU E 71 17.13 7.39 -53.54
N GLN E 72 15.93 7.77 -53.10
CA GLN E 72 14.96 6.80 -52.62
C GLN E 72 14.81 5.76 -53.70
N PRO E 73 15.13 4.50 -53.37
CA PRO E 73 15.05 3.36 -54.30
C PRO E 73 13.74 3.39 -55.06
N THR E 74 13.85 3.63 -56.37
CA THR E 74 12.68 3.75 -57.23
C THR E 74 12.48 2.54 -58.11
N MET F 2 30.69 33.69 -1.22
CA MET F 2 30.29 32.29 -1.03
C MET F 2 29.91 31.63 -2.35
N ARG F 3 29.40 30.40 -2.29
CA ARG F 3 28.96 29.70 -3.50
C ARG F 3 27.48 29.31 -3.52
N LYS F 4 26.72 29.82 -2.56
CA LYS F 4 25.28 29.56 -2.49
C LYS F 4 24.55 30.76 -3.04
N ILE F 5 23.55 30.51 -3.88
CA ILE F 5 22.77 31.58 -4.47
C ILE F 5 21.34 31.22 -4.11
N LEU F 6 20.48 32.24 -4.15
CA LEU F 6 19.05 32.01 -3.94
C LEU F 6 18.29 32.67 -5.09
N ILE F 7 17.44 31.87 -5.76
CA ILE F 7 16.63 32.31 -6.91
C ILE F 7 15.21 32.66 -6.49
N ARG F 8 14.67 33.75 -7.01
CA ARG F 8 13.29 34.15 -6.71
C ARG F 8 12.57 34.43 -8.02
N GLY F 9 11.26 34.24 -8.02
CA GLY F 9 10.40 34.50 -9.17
C GLY F 9 10.04 33.32 -10.09
N LEU F 10 10.45 32.13 -9.64
CA LEU F 10 10.22 30.89 -10.38
C LEU F 10 8.72 30.63 -10.58
N PRO F 11 8.37 29.93 -11.67
CA PRO F 11 6.97 29.59 -11.95
C PRO F 11 6.28 28.80 -10.80
N GLY F 12 4.94 28.87 -10.70
CA GLY F 12 4.21 28.13 -9.70
C GLY F 12 4.41 26.62 -9.91
N ASP F 13 4.41 26.22 -11.18
CA ASP F 13 4.58 24.82 -11.60
C ASP F 13 6.02 24.47 -12.01
N VAL F 14 7.00 25.15 -11.41
CA VAL F 14 8.40 24.86 -11.67
C VAL F 14 8.79 23.48 -11.08
N THR F 15 9.63 22.73 -11.82
CA THR F 15 10.13 21.43 -11.35
C THR F 15 11.62 21.52 -11.04
N ASN F 16 12.14 20.60 -10.24
CA ASN F 16 13.55 20.66 -9.94
C ASN F 16 14.34 20.56 -11.22
N GLN F 17 13.90 19.66 -12.11
CA GLN F 17 14.51 19.47 -13.42
C GLN F 17 14.76 20.82 -14.05
N GLU F 18 13.69 21.59 -14.18
CA GLU F 18 13.78 22.94 -14.74
C GLU F 18 14.88 23.81 -14.11
N VAL F 19 15.17 23.63 -12.83
CA VAL F 19 16.23 24.43 -12.24
C VAL F 19 17.58 23.91 -12.67
N HIS F 20 17.73 22.59 -12.66
CA HIS F 20 18.96 21.95 -13.10
C HIS F 20 19.24 22.26 -14.58
N ASP F 21 18.18 22.42 -15.36
CA ASP F 21 18.26 22.71 -16.80
C ASP F 21 18.66 24.16 -17.01
N LEU F 22 18.07 25.02 -16.20
CA LEU F 22 18.39 26.42 -16.21
C LEU F 22 19.89 26.57 -16.02
N LEU F 23 20.42 26.03 -14.91
CA LEU F 23 21.85 26.11 -14.59
C LEU F 23 22.59 24.86 -15.02
N SER F 24 22.32 24.46 -16.26
CA SER F 24 22.95 23.27 -16.85
C SER F 24 24.42 23.50 -17.09
N ASP F 25 24.84 24.76 -17.11
CA ASP F 25 26.24 25.08 -17.28
C ASP F 25 27.07 25.07 -16.00
N TYR F 26 26.47 24.66 -14.88
CA TYR F 26 27.17 24.68 -13.60
C TYR F 26 27.05 23.36 -12.86
N GLU F 27 27.84 23.21 -11.79
CA GLU F 27 27.84 22.00 -10.95
C GLU F 27 27.06 22.28 -9.70
N LEU F 28 25.84 21.79 -9.66
CA LEU F 28 25.02 21.95 -8.48
C LEU F 28 25.43 20.94 -7.44
N LYS F 29 25.87 21.44 -6.30
CA LYS F 29 26.22 20.60 -5.20
C LYS F 29 24.98 20.51 -4.30
N TYR F 30 24.11 21.50 -4.41
CA TYR F 30 22.87 21.49 -3.65
C TYR F 30 21.77 22.19 -4.41
N CYS F 31 20.58 21.63 -4.34
CA CYS F 31 19.44 22.24 -5.00
C CYS F 31 18.15 21.93 -4.29
N PHE F 32 17.52 22.98 -3.77
CA PHE F 32 16.26 22.82 -3.08
C PHE F 32 15.24 23.83 -3.58
N VAL F 33 14.19 23.32 -4.21
CA VAL F 33 13.16 24.17 -4.79
C VAL F 33 11.96 24.26 -3.87
N ASP F 34 11.51 25.47 -3.57
CA ASP F 34 10.31 25.64 -2.73
C ASP F 34 9.13 25.95 -3.67
N LYS F 35 8.34 24.95 -4.01
CA LYS F 35 7.26 25.16 -4.95
C LYS F 35 6.19 26.15 -4.45
N TYR F 36 5.97 26.15 -3.15
CA TYR F 36 5.00 27.09 -2.59
C TYR F 36 5.46 28.56 -2.63
N LYS F 37 6.77 28.79 -2.71
CA LYS F 37 7.28 30.17 -2.81
C LYS F 37 7.98 30.55 -4.16
N GLY F 38 8.15 29.59 -5.07
CA GLY F 38 8.82 29.86 -6.32
C GLY F 38 10.22 30.38 -6.08
N THR F 39 10.90 29.76 -5.12
CA THR F 39 12.27 30.12 -4.80
C THR F 39 13.10 28.85 -4.69
N ALA F 40 14.31 28.88 -5.23
CA ALA F 40 15.22 27.75 -5.13
C ALA F 40 16.46 28.15 -4.33
N PHE F 41 17.07 27.16 -3.70
CA PHE F 41 18.30 27.35 -2.95
C PHE F 41 19.34 26.43 -3.53
N VAL F 42 20.17 26.98 -4.40
CA VAL F 42 21.25 26.25 -5.04
C VAL F 42 22.58 26.56 -4.35
N THR F 43 23.47 25.59 -4.43
CA THR F 43 24.82 25.65 -3.86
C THR F 43 25.71 25.22 -5.03
N LEU F 44 26.61 26.11 -5.45
CA LEU F 44 27.48 25.85 -6.59
C LEU F 44 28.90 25.39 -6.18
N LEU F 45 29.69 25.00 -7.17
CA LEU F 45 31.04 24.52 -6.94
C LEU F 45 31.91 25.52 -6.13
N ASN F 46 31.89 26.79 -6.50
CA ASN F 46 32.71 27.80 -5.83
C ASN F 46 32.19 29.23 -6.04
N GLY F 47 32.96 30.20 -5.54
CA GLY F 47 32.58 31.60 -5.64
C GLY F 47 32.45 32.08 -7.06
N GLU F 48 33.32 31.60 -7.96
CA GLU F 48 33.24 32.07 -9.32
C GLU F 48 32.00 31.61 -10.00
N GLN F 49 31.64 30.36 -9.79
CA GLN F 49 30.45 29.77 -10.38
C GLN F 49 29.21 30.55 -9.96
N ALA F 50 29.07 30.77 -8.67
CA ALA F 50 27.96 31.55 -8.11
C ALA F 50 27.90 32.98 -8.69
N GLU F 51 29.05 33.52 -9.09
CA GLU F 51 29.11 34.85 -9.69
C GLU F 51 28.56 34.86 -11.11
N ALA F 52 29.09 33.95 -11.93
CA ALA F 52 28.66 33.79 -13.33
C ALA F 52 27.19 33.38 -13.38
N ALA F 53 26.77 32.57 -12.42
CA ALA F 53 25.37 32.19 -12.33
C ALA F 53 24.49 33.43 -12.03
N ILE F 54 24.92 34.23 -11.07
CA ILE F 54 24.18 35.43 -10.72
C ILE F 54 24.07 36.36 -11.91
N ASN F 55 25.20 36.60 -12.58
CA ASN F 55 25.25 37.51 -13.72
C ASN F 55 24.48 37.04 -14.93
N ALA F 56 24.63 35.77 -15.28
CA ALA F 56 23.90 35.22 -16.42
C ALA F 56 22.43 35.25 -16.18
N PHE F 57 22.03 34.92 -14.95
CA PHE F 57 20.63 34.62 -14.62
C PHE F 57 19.85 35.55 -13.67
N HIS F 58 20.45 36.64 -13.18
CA HIS F 58 19.69 37.68 -12.52
C HIS F 58 18.95 38.60 -13.51
N GLN F 59 17.62 38.59 -13.46
CA GLN F 59 16.77 39.39 -14.35
C GLN F 59 16.38 38.74 -15.68
N SER F 60 16.72 37.47 -15.82
CA SER F 60 16.36 36.73 -17.02
C SER F 60 14.93 36.20 -16.82
N ARG F 61 14.33 35.69 -17.90
CA ARG F 61 12.96 35.21 -17.85
C ARG F 61 12.91 33.73 -18.00
N LEU F 62 12.22 33.08 -17.07
CA LEU F 62 12.02 31.63 -17.13
C LEU F 62 10.52 31.43 -17.39
N ARG F 63 10.18 30.88 -18.56
CA ARG F 63 8.78 30.73 -19.02
C ARG F 63 7.96 31.97 -18.73
N GLU F 64 8.50 33.12 -19.14
CA GLU F 64 7.76 34.39 -19.07
C GLU F 64 7.81 35.07 -17.71
N ARG F 65 8.65 34.55 -16.81
CA ARG F 65 8.77 35.13 -15.47
C ARG F 65 10.18 35.69 -15.20
N GLU F 66 10.25 36.92 -14.71
CA GLU F 66 11.53 37.57 -14.44
C GLU F 66 12.12 36.97 -13.15
N LEU F 67 13.39 36.58 -13.20
CA LEU F 67 14.05 35.92 -12.08
C LEU F 67 15.00 36.85 -11.41
N SER F 68 15.13 36.65 -10.12
CA SER F 68 16.07 37.42 -9.32
C SER F 68 17.05 36.44 -8.66
N VAL F 69 18.25 36.36 -9.24
CA VAL F 69 19.29 35.49 -8.74
C VAL F 69 20.26 36.36 -7.92
N GLN F 70 20.55 35.96 -6.70
CA GLN F 70 21.47 36.73 -5.87
C GLN F 70 22.10 35.80 -4.84
N LEU F 71 23.18 36.25 -4.20
CA LEU F 71 23.85 35.45 -3.17
C LEU F 71 22.92 35.19 -2.03
N GLN F 72 22.86 33.94 -1.59
CA GLN F 72 21.96 33.53 -0.51
C GLN F 72 22.18 34.47 0.64
N PRO F 73 21.17 35.32 0.93
CA PRO F 73 21.18 36.36 1.97
C PRO F 73 21.85 35.86 3.23
N THR F 74 23.04 36.41 3.50
CA THR F 74 23.82 36.02 4.66
C THR F 74 23.80 37.12 5.72
N HIS G 1 -22.68 14.19 4.25
CA HIS G 1 -23.88 13.49 3.82
C HIS G 1 -24.97 13.61 4.88
N MET G 2 -24.76 12.87 5.96
CA MET G 2 -25.71 12.87 7.04
C MET G 2 -25.17 13.61 8.25
N ARG G 3 -25.97 13.62 9.32
CA ARG G 3 -25.59 14.26 10.57
C ARG G 3 -25.52 13.29 11.73
N LYS G 4 -25.57 11.99 11.43
CA LYS G 4 -25.43 10.98 12.46
C LYS G 4 -24.01 10.46 12.38
N ILE G 5 -23.42 10.26 13.54
CA ILE G 5 -22.05 9.79 13.65
C ILE G 5 -22.12 8.68 14.64
N LEU G 6 -21.15 7.77 14.56
CA LEU G 6 -21.08 6.68 15.53
C LEU G 6 -19.71 6.67 16.14
N ILE G 7 -19.68 6.66 17.49
CA ILE G 7 -18.42 6.64 18.26
C ILE G 7 -18.01 5.25 18.74
N ARG G 8 -16.75 4.90 18.56
CA ARG G 8 -16.25 3.61 18.99
C ARG G 8 -15.07 3.80 19.91
N GLY G 9 -14.92 2.89 20.87
CA GLY G 9 -13.80 2.94 21.79
C GLY G 9 -13.97 3.64 23.13
N LEU G 10 -15.21 3.96 23.48
CA LEU G 10 -15.51 4.61 24.75
C LEU G 10 -15.19 3.69 25.95
N PRO G 11 -14.90 4.29 27.12
CA PRO G 11 -14.62 3.56 28.35
C PRO G 11 -15.78 2.60 28.73
N GLY G 12 -15.48 1.56 29.50
CA GLY G 12 -16.53 0.62 29.90
C GLY G 12 -17.54 1.29 30.81
N ASP G 13 -17.00 2.10 31.74
CA ASP G 13 -17.78 2.84 32.72
C ASP G 13 -18.15 4.25 32.20
N VAL G 14 -18.28 4.40 30.87
CA VAL G 14 -18.67 5.67 30.25
C VAL G 14 -20.15 5.96 30.63
N THR G 15 -20.47 7.25 30.83
CA THR G 15 -21.86 7.68 31.09
C THR G 15 -22.37 8.55 29.94
N ASN G 16 -23.67 8.72 29.87
CA ASN G 16 -24.21 9.55 28.80
C ASN G 16 -23.67 10.95 28.94
N GLN G 17 -23.67 11.45 30.18
CA GLN G 17 -23.14 12.75 30.51
C GLN G 17 -21.79 12.92 29.84
N GLU G 18 -20.88 11.98 30.05
CA GLU G 18 -19.56 12.06 29.46
C GLU G 18 -19.57 12.23 27.93
N VAL G 19 -20.61 11.74 27.26
CA VAL G 19 -20.68 11.90 25.82
C VAL G 19 -21.12 13.30 25.46
N HIS G 20 -22.11 13.78 26.24
CA HIS G 20 -22.65 15.12 26.07
C HIS G 20 -21.59 16.17 26.39
N ASP G 21 -20.69 15.86 27.33
CA ASP G 21 -19.60 16.76 27.76
C ASP G 21 -18.51 16.75 26.71
N LEU G 22 -18.31 15.59 26.10
CA LEU G 22 -17.34 15.41 25.03
C LEU G 22 -17.73 16.37 23.92
N LEU G 23 -18.94 16.20 23.41
CA LEU G 23 -19.48 17.00 22.33
C LEU G 23 -20.30 18.15 22.89
N SER G 24 -19.74 18.86 23.86
CA SER G 24 -20.42 19.99 24.48
C SER G 24 -20.50 21.16 23.53
N ASP G 25 -19.76 21.08 22.43
CA ASP G 25 -19.74 22.15 21.44
C ASP G 25 -20.75 21.97 20.33
N TYR G 26 -21.59 20.94 20.44
CA TYR G 26 -22.56 20.67 19.41
C TYR G 26 -23.94 20.39 19.99
N GLU G 27 -24.94 20.40 19.12
CA GLU G 27 -26.32 20.19 19.50
C GLU G 27 -26.67 18.76 19.20
N LEU G 28 -26.80 17.99 20.26
CA LEU G 28 -27.15 16.61 20.10
C LEU G 28 -28.64 16.53 19.94
N LYS G 29 -29.09 15.99 18.83
CA LYS G 29 -30.49 15.79 18.63
C LYS G 29 -30.82 14.37 19.10
N TYR G 30 -29.79 13.52 19.14
CA TYR G 30 -29.96 12.14 19.58
C TYR G 30 -28.67 11.61 20.18
N CYS G 31 -28.81 10.86 21.26
CA CYS G 31 -27.66 10.26 21.90
C CYS G 31 -28.01 8.95 22.56
N PHE G 32 -27.42 7.88 22.03
CA PHE G 32 -27.62 6.56 22.59
C PHE G 32 -26.28 5.88 22.83
N VAL G 33 -25.98 5.63 24.09
CA VAL G 33 -24.72 5.03 24.48
C VAL G 33 -24.88 3.56 24.81
N ASP G 34 -24.06 2.72 24.22
CA ASP G 34 -24.12 1.30 24.48
C ASP G 34 -23.01 0.98 25.46
N LYS G 35 -23.36 0.84 26.74
CA LYS G 35 -22.33 0.57 27.73
C LYS G 35 -21.69 -0.80 27.56
N TYR G 36 -22.44 -1.76 27.05
CA TYR G 36 -21.87 -3.07 26.82
C TYR G 36 -20.88 -3.13 25.64
N LYS G 37 -20.98 -2.19 24.71
CA LYS G 37 -20.04 -2.15 23.58
C LYS G 37 -19.12 -0.90 23.52
N GLY G 38 -19.29 0.05 24.44
CA GLY G 38 -18.48 1.25 24.39
C GLY G 38 -18.64 2.00 23.05
N THR G 39 -19.85 1.98 22.53
CA THR G 39 -20.18 2.69 21.29
C THR G 39 -21.39 3.60 21.50
N ALA G 40 -21.29 4.81 20.98
CA ALA G 40 -22.37 5.78 21.11
C ALA G 40 -22.95 6.05 19.71
N PHE G 41 -24.22 6.43 19.68
CA PHE G 41 -24.89 6.80 18.44
C PHE G 41 -25.45 8.16 18.63
N VAL G 42 -24.77 9.16 18.09
CA VAL G 42 -25.25 10.52 18.21
C VAL G 42 -25.83 11.01 16.87
N THR G 43 -26.73 11.96 16.99
CA THR G 43 -27.38 12.56 15.83
C THR G 43 -27.18 14.04 16.03
N LEU G 44 -26.50 14.70 15.11
CA LEU G 44 -26.20 16.12 15.24
C LEU G 44 -27.14 17.05 14.45
N LEU G 45 -27.02 18.35 14.67
CA LEU G 45 -27.88 19.34 14.00
C LEU G 45 -27.89 19.20 12.48
N ASN G 46 -26.71 19.01 11.88
CA ASN G 46 -26.59 18.93 10.42
C ASN G 46 -25.26 18.34 9.98
N GLY G 47 -25.04 18.31 8.67
CA GLY G 47 -23.84 17.76 8.04
C GLY G 47 -22.55 18.43 8.46
N GLU G 48 -22.55 19.75 8.60
CA GLU G 48 -21.34 20.44 9.01
C GLU G 48 -20.97 20.02 10.41
N GLN G 49 -21.96 20.04 11.31
CA GLN G 49 -21.74 19.62 12.70
C GLN G 49 -21.13 18.22 12.82
N ALA G 50 -21.72 17.26 12.10
CA ALA G 50 -21.22 15.90 12.09
C ALA G 50 -19.78 15.81 11.53
N GLU G 51 -19.42 16.76 10.66
CA GLU G 51 -18.08 16.81 10.08
C GLU G 51 -17.04 17.28 11.08
N ALA G 52 -17.32 18.45 11.69
CA ALA G 52 -16.42 19.07 12.67
C ALA G 52 -16.24 18.12 13.82
N ALA G 53 -17.33 17.46 14.21
CA ALA G 53 -17.28 16.51 15.30
C ALA G 53 -16.35 15.37 14.92
N ILE G 54 -16.47 14.89 13.68
CA ILE G 54 -15.64 13.78 13.26
C ILE G 54 -14.21 14.20 13.23
N ASN G 55 -13.94 15.38 12.70
CA ASN G 55 -12.57 15.86 12.64
C ASN G 55 -11.94 16.21 13.97
N ALA G 56 -12.75 16.73 14.90
CA ALA G 56 -12.23 17.08 16.21
C ALA G 56 -11.97 15.88 17.03
N PHE G 57 -12.83 14.86 16.86
CA PHE G 57 -12.93 13.75 17.80
C PHE G 57 -12.56 12.33 17.29
N HIS G 58 -12.23 12.18 16.01
CA HIS G 58 -11.69 10.92 15.54
C HIS G 58 -10.20 10.76 15.90
N GLN G 59 -9.92 9.78 16.77
CA GLN G 59 -8.55 9.44 17.24
C GLN G 59 -8.07 10.19 18.49
N SER G 60 -8.99 10.90 19.13
CA SER G 60 -8.62 11.58 20.35
C SER G 60 -8.75 10.57 21.49
N ARG G 61 -8.30 10.99 22.66
CA ARG G 61 -8.33 10.12 23.81
C ARG G 61 -9.35 10.60 24.80
N LEU G 62 -10.16 9.67 25.28
CA LEU G 62 -11.12 10.00 26.31
C LEU G 62 -10.70 9.10 27.49
N ARG G 63 -10.30 9.73 28.60
CA ARG G 63 -9.80 9.02 29.77
C ARG G 63 -8.86 7.89 29.36
N GLU G 64 -7.91 8.22 28.50
CA GLU G 64 -6.83 7.30 28.14
C GLU G 64 -7.20 6.30 27.04
N ARG G 65 -8.37 6.47 26.43
CA ARG G 65 -8.82 5.55 25.38
C ARG G 65 -9.00 6.26 24.03
N GLU G 66 -8.45 5.66 22.97
CA GLU G 66 -8.46 6.30 21.65
C GLU G 66 -9.83 6.11 21.00
N LEU G 67 -10.44 7.21 20.56
CA LEU G 67 -11.78 7.16 20.02
C LEU G 67 -11.76 7.15 18.53
N SER G 68 -12.76 6.49 17.99
CA SER G 68 -12.97 6.43 16.57
C SER G 68 -14.36 7.01 16.23
N VAL G 69 -14.33 8.26 15.80
CA VAL G 69 -15.53 8.94 15.40
C VAL G 69 -15.66 8.88 13.87
N GLN G 70 -16.83 8.48 13.37
CA GLN G 70 -17.08 8.40 11.93
C GLN G 70 -18.57 8.44 11.63
N LEU G 71 -18.91 8.66 10.37
CA LEU G 71 -20.32 8.74 9.95
C LEU G 71 -20.97 7.42 10.14
N GLN G 72 -22.10 7.42 10.85
CA GLN G 72 -22.85 6.20 11.16
C GLN G 72 -22.96 5.38 9.90
N PRO G 73 -22.32 4.19 9.91
CA PRO G 73 -22.23 3.26 8.77
C PRO G 73 -23.57 3.14 8.05
N THR G 74 -23.58 3.68 6.84
CA THR G 74 -24.78 3.62 6.01
C THR G 74 -24.51 2.64 4.86
N MET H 2 23.76 -13.55 16.61
CA MET H 2 23.69 -15.01 16.55
C MET H 2 23.45 -15.55 15.14
N ARG H 3 23.33 -16.87 15.04
CA ARG H 3 23.10 -17.56 13.76
C ARG H 3 21.82 -18.39 13.76
N LYS H 4 20.95 -18.12 14.71
CA LYS H 4 19.65 -18.77 14.80
C LYS H 4 18.58 -17.80 14.40
N ILE H 5 17.81 -18.15 13.37
CA ILE H 5 16.70 -17.31 12.92
C ILE H 5 15.42 -18.04 13.24
N LEU H 6 14.31 -17.30 13.28
CA LEU H 6 13.01 -17.90 13.48
C LEU H 6 12.09 -17.32 12.45
N ILE H 7 11.43 -18.23 11.71
CA ILE H 7 10.50 -17.92 10.59
C ILE H 7 9.04 -18.15 10.98
N ARG H 8 8.22 -17.12 10.79
CA ARG H 8 6.78 -17.16 11.10
C ARG H 8 6.00 -16.93 9.82
N GLY H 9 4.77 -17.43 9.78
CA GLY H 9 3.90 -17.21 8.65
C GLY H 9 3.93 -18.27 7.59
N LEU H 10 4.61 -19.37 7.88
CA LEU H 10 4.70 -20.48 6.94
C LEU H 10 3.29 -21.03 6.65
N PRO H 11 3.09 -21.68 5.48
CA PRO H 11 1.82 -22.33 5.08
C PRO H 11 1.39 -23.48 6.03
N GLY H 12 0.10 -23.78 6.11
CA GLY H 12 -0.36 -24.86 6.96
C GLY H 12 0.19 -26.23 6.57
N ASP H 13 0.30 -26.40 5.26
CA ASP H 13 0.76 -27.65 4.70
C ASP H 13 2.24 -27.54 4.25
N VAL H 14 3.01 -26.73 4.96
CA VAL H 14 4.42 -26.59 4.64
C VAL H 14 5.12 -27.91 4.98
N THR H 15 6.15 -28.25 4.20
CA THR H 15 6.98 -29.43 4.47
C THR H 15 8.39 -28.99 4.88
N ASN H 16 9.15 -29.89 5.52
CA ASN H 16 10.50 -29.52 5.89
C ASN H 16 11.27 -29.18 4.61
N GLN H 17 11.08 -29.99 3.58
CA GLN H 17 11.73 -29.76 2.32
C GLN H 17 11.57 -28.32 1.83
N GLU H 18 10.34 -27.85 1.81
CA GLU H 18 10.09 -26.48 1.40
C GLU H 18 10.98 -25.44 2.12
N VAL H 19 11.27 -25.67 3.40
CA VAL H 19 12.08 -24.74 4.17
C VAL H 19 13.51 -24.78 3.73
N HIS H 20 14.02 -25.99 3.55
CA HIS H 20 15.39 -26.21 3.13
C HIS H 20 15.54 -25.63 1.73
N ASP H 21 14.48 -25.77 0.95
CA ASP H 21 14.48 -25.29 -0.41
C ASP H 21 14.50 -23.78 -0.39
N LEU H 22 13.77 -23.23 0.57
CA LEU H 22 13.66 -21.79 0.75
C LEU H 22 15.06 -21.21 0.99
N LEU H 23 15.74 -21.77 1.98
CA LEU H 23 17.08 -21.34 2.31
C LEU H 23 18.09 -22.29 1.68
N SER H 24 17.93 -22.51 0.38
CA SER H 24 18.79 -23.43 -0.36
C SER H 24 20.17 -22.84 -0.52
N ASP H 25 20.25 -21.52 -0.34
CA ASP H 25 21.50 -20.81 -0.49
C ASP H 25 22.37 -20.73 0.76
N TYR H 26 21.95 -21.40 1.82
CA TYR H 26 22.67 -21.36 3.12
C TYR H 26 22.96 -22.73 3.72
N GLU H 27 23.85 -22.75 4.69
CA GLU H 27 24.17 -23.98 5.38
C GLU H 27 23.34 -24.19 6.64
N LEU H 28 22.35 -25.06 6.53
CA LEU H 28 21.48 -25.36 7.64
C LEU H 28 22.24 -26.29 8.56
N LYS H 29 22.28 -25.94 9.84
CA LYS H 29 22.93 -26.75 10.85
C LYS H 29 21.82 -27.26 11.79
N TYR H 30 20.70 -26.55 11.80
CA TYR H 30 19.52 -26.94 12.57
C TYR H 30 18.24 -26.46 11.90
N CYS H 31 17.21 -27.31 11.93
CA CYS H 31 15.97 -27.00 11.26
C CYS H 31 14.82 -27.74 11.83
N PHE H 32 14.00 -27.05 12.60
CA PHE H 32 12.83 -27.67 13.14
C PHE H 32 11.58 -26.91 12.76
N VAL H 33 10.73 -27.56 11.97
CA VAL H 33 9.49 -26.99 11.46
C VAL H 33 8.28 -27.36 12.32
N ASP H 34 7.54 -26.35 12.75
CA ASP H 34 6.36 -26.58 13.58
C ASP H 34 5.11 -26.43 12.73
N LYS H 35 4.64 -27.54 12.19
CA LYS H 35 3.47 -27.50 11.32
C LYS H 35 2.20 -26.96 11.97
N TYR H 36 2.03 -27.21 13.27
CA TYR H 36 0.86 -26.68 13.96
C TYR H 36 0.94 -25.14 14.10
N LYS H 37 2.15 -24.59 14.13
CA LYS H 37 2.30 -23.15 14.29
C LYS H 37 2.80 -22.43 13.03
N GLY H 38 3.23 -23.17 12.02
CA GLY H 38 3.71 -22.52 10.82
C GLY H 38 4.96 -21.71 11.10
N THR H 39 5.75 -22.17 12.04
CA THR H 39 6.99 -21.51 12.42
C THR H 39 8.16 -22.49 12.37
N ALA H 40 9.29 -22.00 11.87
CA ALA H 40 10.47 -22.82 11.73
C ALA H 40 11.62 -22.28 12.58
N PHE H 41 12.41 -23.19 13.15
CA PHE H 41 13.57 -22.77 13.91
C PHE H 41 14.80 -23.29 13.19
N VAL H 42 15.43 -22.40 12.43
CA VAL H 42 16.65 -22.70 11.72
C VAL H 42 17.85 -22.12 12.45
N THR H 43 19.00 -22.76 12.22
CA THR H 43 20.28 -22.40 12.79
C THR H 43 21.24 -22.44 11.59
N LEU H 44 21.85 -21.30 11.28
CA LEU H 44 22.74 -21.22 10.11
C LEU H 44 24.22 -21.32 10.47
N LEU H 45 25.06 -21.37 9.44
CA LEU H 45 26.49 -21.48 9.64
C LEU H 45 27.10 -20.39 10.54
N ASN H 46 26.68 -19.14 10.37
CA ASN H 46 27.25 -18.06 11.16
C ASN H 46 26.41 -16.78 11.25
N GLY H 47 27.03 -15.70 11.73
CA GLY H 47 26.34 -14.45 11.92
C GLY H 47 25.93 -13.87 10.59
N GLU H 48 26.86 -13.87 9.65
CA GLU H 48 26.60 -13.28 8.35
C GLU H 48 25.51 -13.97 7.59
N GLN H 49 25.45 -15.30 7.72
CA GLN H 49 24.43 -16.08 7.03
C GLN H 49 23.04 -15.72 7.54
N ALA H 50 22.88 -15.68 8.86
CA ALA H 50 21.60 -15.34 9.47
C ALA H 50 21.13 -13.92 9.08
N GLU H 51 22.09 -13.06 8.77
CA GLU H 51 21.80 -11.70 8.36
C GLU H 51 21.25 -11.69 6.94
N ALA H 52 21.96 -12.33 6.02
CA ALA H 52 21.54 -12.35 4.63
C ALA H 52 20.17 -13.04 4.50
N ALA H 53 20.00 -14.12 5.27
CA ALA H 53 18.78 -14.90 5.31
C ALA H 53 17.64 -13.98 5.76
N ILE H 54 17.88 -13.22 6.82
CA ILE H 54 16.85 -12.30 7.30
C ILE H 54 16.51 -11.29 6.20
N ASN H 55 17.54 -10.72 5.59
CA ASN H 55 17.29 -9.68 4.63
C ASN H 55 16.66 -10.11 3.33
N ALA H 56 17.01 -11.30 2.88
CA ALA H 56 16.42 -11.86 1.65
C ALA H 56 14.98 -12.30 1.86
N PHE H 57 14.75 -12.99 2.97
CA PHE H 57 13.58 -13.84 3.14
C PHE H 57 12.50 -13.21 4.02
N HIS H 58 12.84 -12.11 4.69
CA HIS H 58 11.87 -11.40 5.51
C HIS H 58 10.81 -10.77 4.60
N GLN H 59 9.55 -10.88 4.98
CA GLN H 59 8.53 -10.11 4.27
C GLN H 59 8.67 -10.44 2.78
N SER H 60 9.03 -11.68 2.49
CA SER H 60 8.83 -12.27 1.17
C SER H 60 7.57 -13.16 1.20
N ARG H 61 7.16 -13.67 0.06
CA ARG H 61 5.97 -14.49 0.05
C ARG H 61 6.30 -15.91 -0.26
N LEU H 62 5.78 -16.83 0.56
CA LEU H 62 5.95 -18.25 0.30
C LEU H 62 4.56 -18.83 -0.02
N ARG H 63 4.37 -19.27 -1.26
CA ARG H 63 3.09 -19.79 -1.73
C ARG H 63 1.96 -18.85 -1.29
N GLU H 64 2.21 -17.55 -1.48
CA GLU H 64 1.20 -16.52 -1.24
C GLU H 64 1.10 -16.04 0.22
N ARG H 65 2.05 -16.47 1.06
CA ARG H 65 2.02 -16.11 2.48
C ARG H 65 3.24 -15.28 2.91
N GLU H 66 2.98 -14.18 3.62
CA GLU H 66 4.04 -13.25 3.97
C GLU H 66 4.87 -13.82 5.12
N LEU H 67 6.16 -14.01 4.88
CA LEU H 67 7.07 -14.52 5.91
C LEU H 67 7.69 -13.43 6.77
N SER H 68 7.87 -13.76 8.03
CA SER H 68 8.53 -12.88 8.95
C SER H 68 9.76 -13.64 9.48
N VAL H 69 10.91 -13.29 8.93
CA VAL H 69 12.19 -13.88 9.27
C VAL H 69 12.94 -12.88 10.17
N GLN H 70 13.45 -13.36 11.28
CA GLN H 70 14.11 -12.51 12.25
C GLN H 70 14.94 -13.36 13.21
N LEU H 71 15.94 -12.75 13.85
CA LEU H 71 16.78 -13.45 14.81
C LEU H 71 15.96 -14.15 15.91
N GLN H 72 16.30 -15.41 16.22
CA GLN H 72 15.53 -16.15 17.23
C GLN H 72 15.47 -15.30 18.48
N PRO H 73 14.25 -14.89 18.86
CA PRO H 73 14.00 -14.05 20.04
C PRO H 73 14.83 -14.56 21.19
N THR H 74 15.81 -13.75 21.56
CA THR H 74 16.74 -14.08 22.65
C THR H 74 16.42 -13.21 23.87
#